data_4FO4
#
_entry.id   4FO4
#
_cell.length_a   120.909
_cell.length_b   120.909
_cell.length_c   94.871
_cell.angle_alpha   90.00
_cell.angle_beta   90.00
_cell.angle_gamma   90.00
#
_symmetry.space_group_name_H-M   'P 4 21 2'
#
loop_
_entity.id
_entity.type
_entity.pdbx_description
1 polymer "Inosine 5'-monophosphate dehydrogenase"
2 non-polymer 'INOSINIC ACID'
3 non-polymer 'MYCOPHENOLIC ACID'
4 non-polymer 'POTASSIUM ION'
5 water water
#
_entity_poly.entity_id   1
_entity_poly.type   'polypeptide(L)'
_entity_poly.pdbx_seq_one_letter_code
;SNAMHMLRIAKEALTFDDVLLVPAHSTVLPNTADLRTRLTKNIALNIPMVSASMDTVTEARLAIALAQEGGIGFIHKNMS
IEQQAAQVHQVKISGGLRVGAAVGAAPGNEERVKALVEAGVDVLLIDSSHGHSEGVLQRIRETRAAYPHLEIIGGNVATA
EGARALIEAGVSAVKVGIGPGSICTTRIVTGVGVPQITAIADAAGVANEYGIPVIADGGIRFSGDISKAIAAGASCVMVG
SMFAGTEEAPGEVILYQGRSYKAYRGMGSLGAMSKGSSDRYFQTDNAADKLVPEGIEGRIAYKGHLKEIIHQQMGGLRSC
MGLTGSATVEDLRTKAQFVRISGAGMKESHVHDVQITKEAPNYRLG
;
_entity_poly.pdbx_strand_id   A,B
#
loop_
_chem_comp.id
_chem_comp.type
_chem_comp.name
_chem_comp.formula
IMP non-polymer 'INOSINIC ACID' 'C10 H13 N4 O8 P'
K non-polymer 'POTASSIUM ION' 'K 1'
MOA non-polymer 'MYCOPHENOLIC ACID' 'C17 H20 O6'
#
# COMPACT_ATOMS: atom_id res chain seq x y z
N MET A 4 41.48 26.71 -33.89
CA MET A 4 40.34 27.56 -33.45
C MET A 4 39.64 26.86 -32.26
N HIS A 5 38.75 25.90 -32.50
CA HIS A 5 38.01 25.20 -31.43
C HIS A 5 37.51 26.16 -30.36
N MET A 6 36.83 27.20 -30.82
CA MET A 6 36.31 28.24 -29.94
C MET A 6 35.38 27.67 -28.88
N LEU A 7 34.66 26.61 -29.25
CA LEU A 7 33.79 25.97 -28.31
C LEU A 7 34.61 24.88 -27.55
N ARG A 8 34.79 25.03 -26.23
CA ARG A 8 35.82 24.24 -25.49
C ARG A 8 35.16 23.00 -24.96
N ILE A 9 34.97 22.05 -25.87
CA ILE A 9 34.26 20.86 -25.60
C ILE A 9 35.28 19.81 -25.34
N ALA A 10 35.34 19.29 -24.12
CA ALA A 10 36.46 18.40 -23.76
C ALA A 10 36.25 17.00 -24.41
N LYS A 11 35.00 16.53 -24.43
CA LYS A 11 34.63 15.20 -24.99
C LYS A 11 33.11 14.98 -24.85
N GLU A 12 32.64 13.84 -25.37
CA GLU A 12 31.23 13.45 -25.28
CA GLU A 12 31.24 13.48 -25.27
C GLU A 12 31.12 12.66 -23.99
N ALA A 13 29.99 12.74 -23.31
CA ALA A 13 29.84 12.00 -22.08
C ALA A 13 28.50 11.23 -22.08
N LEU A 14 28.47 10.09 -21.43
CA LEU A 14 27.37 9.15 -21.45
C LEU A 14 26.79 8.91 -20.06
N THR A 15 25.51 8.59 -20.03
CA THR A 15 24.92 8.12 -18.85
C THR A 15 24.27 6.75 -19.09
N PHE A 16 23.42 6.31 -18.15
CA PHE A 16 22.98 4.91 -18.05
C PHE A 16 22.22 4.51 -19.29
N ASP A 17 21.31 5.36 -19.72
CA ASP A 17 20.48 4.98 -20.85
C ASP A 17 21.22 5.06 -22.20
N ASP A 18 22.49 5.44 -22.23
CA ASP A 18 23.28 5.47 -23.47
C ASP A 18 23.98 4.16 -23.73
N VAL A 19 24.01 3.24 -22.77
CA VAL A 19 24.80 2.02 -22.87
C VAL A 19 24.01 0.77 -22.40
N LEU A 20 24.40 -0.39 -22.96
CA LEU A 20 24.00 -1.66 -22.39
C LEU A 20 25.24 -2.57 -22.20
N LEU A 21 25.13 -3.54 -21.27
CA LEU A 21 26.19 -4.53 -21.04
C LEU A 21 26.04 -5.73 -22.02
N VAL A 22 27.18 -6.20 -22.53
CA VAL A 22 27.22 -7.27 -23.46
C VAL A 22 27.21 -8.62 -22.73
N PRO A 23 26.32 -9.51 -23.12
CA PRO A 23 26.36 -10.89 -22.56
C PRO A 23 27.62 -11.65 -23.00
N ALA A 24 28.10 -12.56 -22.14
CA ALA A 24 29.33 -13.34 -22.41
C ALA A 24 29.21 -14.77 -21.94
N HIS A 25 30.17 -15.59 -22.33
CA HIS A 25 30.30 -16.94 -21.76
C HIS A 25 30.32 -16.91 -20.25
N SER A 26 29.52 -17.75 -19.65
CA SER A 26 29.31 -17.72 -18.24
C SER A 26 29.16 -19.12 -17.67
N THR A 27 29.85 -19.38 -16.57
CA THR A 27 29.57 -20.50 -15.72
C THR A 27 28.88 -20.02 -14.46
N VAL A 28 28.57 -18.74 -14.38
CA VAL A 28 28.00 -18.16 -13.17
C VAL A 28 26.51 -18.31 -13.19
N LEU A 29 25.90 -18.77 -12.13
CA LEU A 29 24.44 -18.71 -12.06
C LEU A 29 24.02 -17.55 -11.18
N PRO A 30 22.84 -16.95 -11.44
CA PRO A 30 22.44 -15.82 -10.60
C PRO A 30 22.56 -16.07 -9.08
N ASN A 31 22.10 -17.21 -8.61
CA ASN A 31 22.11 -17.42 -7.17
C ASN A 31 23.48 -17.89 -6.63
N THR A 32 24.47 -18.04 -7.50
CA THR A 32 25.85 -18.32 -7.05
C THR A 32 26.77 -17.14 -7.23
N ALA A 33 26.28 -16.06 -7.85
CA ALA A 33 27.08 -14.86 -7.98
C ALA A 33 27.47 -14.33 -6.58
N ASP A 34 28.71 -13.88 -6.46
CA ASP A 34 29.23 -13.26 -5.20
C ASP A 34 29.07 -11.74 -5.24
N LEU A 35 28.17 -11.22 -4.39
CA LEU A 35 27.88 -9.77 -4.40
C LEU A 35 28.79 -8.93 -3.53
N ARG A 36 29.76 -9.55 -2.88
CA ARG A 36 30.57 -8.84 -1.89
C ARG A 36 31.41 -7.83 -2.60
N THR A 37 31.72 -6.75 -1.88
CA THR A 37 32.53 -5.67 -2.43
C THR A 37 33.16 -4.83 -1.32
N ARG A 38 33.69 -3.66 -1.70
CA ARG A 38 34.32 -2.69 -0.78
C ARG A 38 33.58 -1.38 -0.80
N LEU A 39 33.38 -0.80 0.38
CA LEU A 39 32.95 0.59 0.48
C LEU A 39 34.19 1.49 0.53
N THR A 40 35.15 1.12 1.34
CA THR A 40 36.43 1.79 1.41
C THR A 40 37.43 0.72 1.40
N LYS A 41 38.67 1.15 1.38
CA LYS A 41 39.80 0.25 1.37
C LYS A 41 39.73 -0.74 2.52
N ASN A 42 39.19 -0.31 3.65
CA ASN A 42 39.16 -1.14 4.85
C ASN A 42 37.79 -1.59 5.30
N ILE A 43 36.70 -1.21 4.62
CA ILE A 43 35.36 -1.61 5.05
C ILE A 43 34.70 -2.37 3.90
N ALA A 44 34.35 -3.63 4.15
CA ALA A 44 33.71 -4.52 3.20
C ALA A 44 32.22 -4.37 3.29
N LEU A 45 31.52 -4.69 2.20
CA LEU A 45 30.06 -4.83 2.20
C LEU A 45 29.70 -6.18 1.59
N ASN A 46 28.57 -6.71 2.01
CA ASN A 46 28.07 -7.95 1.47
C ASN A 46 27.24 -7.68 0.24
N ILE A 47 26.73 -6.45 0.07
CA ILE A 47 26.08 -6.07 -1.16
C ILE A 47 26.50 -4.65 -1.50
N PRO A 48 26.42 -4.29 -2.79
CA PRO A 48 27.06 -3.06 -3.20
C PRO A 48 26.10 -1.87 -3.18
N MET A 49 25.40 -1.67 -2.06
CA MET A 49 24.37 -0.62 -1.92
C MET A 49 24.63 0.15 -0.63
N VAL A 50 24.67 1.48 -0.72
CA VAL A 50 24.70 2.37 0.43
C VAL A 50 23.56 3.40 0.32
N SER A 51 23.02 3.86 1.44
CA SER A 51 21.89 4.75 1.37
C SER A 51 22.34 6.23 1.50
N ALA A 52 21.66 7.10 0.76
CA ALA A 52 21.95 8.51 0.74
C ALA A 52 21.77 9.16 2.12
N SER A 53 22.61 10.15 2.40
CA SER A 53 22.56 10.86 3.68
C SER A 53 21.53 11.96 3.59
N MET A 54 20.27 11.55 3.45
CA MET A 54 19.20 12.52 3.26
C MET A 54 18.16 12.31 4.34
N ASP A 55 17.52 13.42 4.68
CA ASP A 55 16.55 13.43 5.76
C ASP A 55 15.22 12.82 5.39
N THR A 56 15.05 12.39 4.16
CA THR A 56 13.87 11.62 3.77
C THR A 56 14.26 10.19 3.37
N VAL A 57 15.49 9.83 3.66
CA VAL A 57 15.98 8.49 3.32
C VAL A 57 16.62 7.72 4.50
N THR A 58 17.61 8.29 5.20
CA THR A 58 18.40 7.53 6.18
C THR A 58 18.47 8.11 7.62
N GLU A 59 17.79 7.45 8.55
CA GLU A 59 18.11 7.53 9.99
C GLU A 59 18.41 6.11 10.50
N ALA A 60 18.38 5.88 11.81
CA ALA A 60 18.86 4.63 12.37
C ALA A 60 18.02 3.50 11.85
N ARG A 61 16.69 3.70 11.78
CA ARG A 61 15.82 2.63 11.35
C ARG A 61 16.18 2.01 10.01
N LEU A 62 16.31 2.86 9.00
CA LEU A 62 16.72 2.35 7.66
C LEU A 62 18.17 1.86 7.67
N ALA A 63 19.03 2.57 8.38
CA ALA A 63 20.45 2.19 8.43
C ALA A 63 20.58 0.78 9.07
N ILE A 64 19.70 0.45 10.04
CA ILE A 64 19.69 -0.89 10.62
C ILE A 64 19.24 -1.93 9.61
N ALA A 65 18.08 -1.70 8.98
CA ALA A 65 17.57 -2.68 7.98
C ALA A 65 18.56 -2.90 6.86
N LEU A 66 19.20 -1.85 6.42
CA LEU A 66 20.15 -1.99 5.31
C LEU A 66 21.40 -2.71 5.69
N ALA A 67 21.91 -2.42 6.88
CA ALA A 67 23.11 -3.11 7.33
C ALA A 67 22.81 -4.57 7.51
N GLN A 68 21.62 -4.91 7.96
CA GLN A 68 21.23 -6.29 8.09
C GLN A 68 21.20 -7.02 6.74
N GLU A 69 20.96 -6.31 5.66
CA GLU A 69 20.98 -6.91 4.32
C GLU A 69 22.37 -6.88 3.68
N GLY A 70 23.35 -6.29 4.33
CA GLY A 70 24.70 -6.30 3.80
C GLY A 70 25.23 -4.96 3.30
N GLY A 71 24.41 -3.90 3.41
CA GLY A 71 24.78 -2.58 2.95
C GLY A 71 25.20 -1.73 4.11
N ILE A 72 25.32 -0.41 3.91
N ILE A 72 25.26 -0.42 3.90
CA ILE A 72 25.61 0.53 5.00
CA ILE A 72 25.52 0.49 5.00
C ILE A 72 24.84 1.82 4.76
C ILE A 72 24.77 1.79 4.76
N GLY A 73 24.24 2.36 5.84
CA GLY A 73 23.40 3.56 5.78
C GLY A 73 24.22 4.73 6.28
N PHE A 74 24.05 5.89 5.67
CA PHE A 74 24.69 7.10 6.14
C PHE A 74 23.65 8.01 6.81
N ILE A 75 23.71 8.12 8.14
CA ILE A 75 22.81 8.99 8.90
C ILE A 75 23.03 10.45 8.48
N HIS A 76 21.93 11.14 8.17
CA HIS A 76 21.96 12.56 7.76
C HIS A 76 22.22 13.51 8.90
N LYS A 77 22.60 14.72 8.57
CA LYS A 77 23.03 15.71 9.53
C LYS A 77 22.01 16.79 9.82
N ASN A 78 20.79 16.66 9.34
CA ASN A 78 19.75 17.65 9.64
C ASN A 78 19.10 17.33 10.96
N MET A 79 19.92 17.28 12.01
CA MET A 79 19.42 17.02 13.36
C MET A 79 20.54 17.52 14.29
N SER A 80 20.33 17.52 15.61
CA SER A 80 21.39 18.04 16.51
C SER A 80 22.54 17.05 16.54
N ILE A 81 23.70 17.50 17.02
CA ILE A 81 24.86 16.64 17.16
C ILE A 81 24.49 15.45 18.05
N GLU A 82 23.71 15.73 19.08
CA GLU A 82 23.36 14.74 20.05
C GLU A 82 22.46 13.70 19.41
N GLN A 83 21.52 14.13 18.59
CA GLN A 83 20.58 13.17 17.99
C GLN A 83 21.33 12.37 16.96
N GLN A 84 22.23 13.01 16.21
CA GLN A 84 22.98 12.28 15.23
C GLN A 84 23.88 11.25 15.86
N ALA A 85 24.56 11.58 16.96
CA ALA A 85 25.36 10.56 17.70
C ALA A 85 24.49 9.45 18.29
N ALA A 86 23.37 9.83 18.91
CA ALA A 86 22.40 8.80 19.37
C ALA A 86 21.94 7.85 18.25
N GLN A 87 21.75 8.38 17.06
CA GLN A 87 21.32 7.51 15.96
C GLN A 87 22.45 6.59 15.52
N VAL A 88 23.69 7.07 15.44
CA VAL A 88 24.80 6.22 15.13
C VAL A 88 24.92 5.11 16.18
N HIS A 89 24.78 5.48 17.45
CA HIS A 89 24.91 4.57 18.56
C HIS A 89 23.83 3.52 18.51
N GLN A 90 22.61 3.93 18.18
CA GLN A 90 21.51 2.96 18.04
C GLN A 90 21.81 1.87 16.99
N VAL A 91 22.46 2.24 15.88
CA VAL A 91 22.77 1.24 14.86
C VAL A 91 23.84 0.30 15.43
N LYS A 92 24.86 0.87 16.07
CA LYS A 92 25.96 0.05 16.62
C LYS A 92 25.48 -0.96 17.67
N ILE A 93 24.46 -0.63 18.46
CA ILE A 93 24.02 -1.56 19.48
C ILE A 93 22.87 -2.41 18.99
N SER A 94 22.64 -2.41 17.68
CA SER A 94 21.64 -3.31 17.11
C SER A 94 22.27 -4.56 16.46
N GLY A 95 23.34 -5.07 17.06
CA GLY A 95 23.96 -6.33 16.62
C GLY A 95 25.30 -6.19 15.92
N GLY A 96 26.11 -5.24 16.32
CA GLY A 96 27.40 -5.04 15.71
C GLY A 96 27.35 -4.50 14.28
N LEU A 97 26.24 -3.87 13.90
CA LEU A 97 26.08 -3.35 12.52
C LEU A 97 27.01 -2.18 12.24
N ARG A 98 27.42 -2.00 10.99
CA ARG A 98 28.21 -0.85 10.62
C ARG A 98 27.30 0.32 10.31
N VAL A 99 27.81 1.52 10.46
CA VAL A 99 27.00 2.69 10.16
C VAL A 99 27.94 3.80 9.73
N GLY A 100 27.40 4.67 8.92
CA GLY A 100 28.08 5.90 8.51
C GLY A 100 27.32 7.13 8.92
N ALA A 101 27.97 8.27 8.86
CA ALA A 101 27.29 9.54 9.15
C ALA A 101 27.86 10.68 8.35
N ALA A 102 26.98 11.56 7.84
CA ALA A 102 27.40 12.74 7.04
C ALA A 102 27.62 13.91 7.90
N VAL A 103 28.63 14.71 7.55
CA VAL A 103 28.82 15.96 8.20
C VAL A 103 28.98 17.14 7.26
N GLY A 104 29.00 16.94 5.95
CA GLY A 104 29.16 18.12 5.10
C GLY A 104 30.61 18.59 5.19
N ALA A 105 30.81 19.88 4.97
CA ALA A 105 32.15 20.40 4.68
C ALA A 105 32.42 21.79 5.24
N ALA A 106 31.44 22.41 5.87
CA ALA A 106 31.59 23.76 6.42
C ALA A 106 32.55 23.75 7.61
N PRO A 107 33.16 24.90 7.92
CA PRO A 107 33.94 24.94 9.15
C PRO A 107 32.99 24.87 10.36
N GLY A 108 33.52 24.43 11.49
CA GLY A 108 32.73 24.35 12.68
C GLY A 108 32.03 23.01 12.81
N ASN A 109 32.39 22.04 11.98
CA ASN A 109 31.84 20.71 12.12
CA ASN A 109 31.88 20.68 12.09
C ASN A 109 32.68 19.82 13.06
N GLU A 110 33.72 20.39 13.69
CA GLU A 110 34.66 19.57 14.53
C GLU A 110 33.97 18.87 15.65
N GLU A 111 33.07 19.58 16.31
CA GLU A 111 32.43 18.97 17.44
CA GLU A 111 32.27 19.07 17.42
C GLU A 111 31.41 17.89 17.01
N ARG A 112 30.71 18.07 15.89
CA ARG A 112 29.88 17.02 15.36
C ARG A 112 30.80 15.81 15.05
N VAL A 113 31.91 16.04 14.37
CA VAL A 113 32.79 14.92 14.03
C VAL A 113 33.25 14.15 15.26
N LYS A 114 33.62 14.87 16.32
CA LYS A 114 34.11 14.22 17.53
C LYS A 114 33.03 13.39 18.19
N ALA A 115 31.81 13.95 18.27
CA ALA A 115 30.67 13.21 18.81
C ALA A 115 30.40 11.92 17.99
N LEU A 116 30.56 12.00 16.68
CA LEU A 116 30.22 10.85 15.87
C LEU A 116 31.25 9.74 15.97
N VAL A 117 32.53 10.10 15.97
CA VAL A 117 33.60 9.15 16.20
C VAL A 117 33.44 8.50 17.58
N GLU A 118 33.07 9.28 18.59
CA GLU A 118 32.88 8.71 19.92
C GLU A 118 31.71 7.79 20.03
N ALA A 119 30.67 8.05 19.23
CA ALA A 119 29.50 7.20 19.23
C ALA A 119 29.76 5.91 18.43
N GLY A 120 30.97 5.76 17.89
CA GLY A 120 31.39 4.52 17.20
C GLY A 120 31.14 4.48 15.69
N VAL A 121 31.01 5.64 15.04
CA VAL A 121 30.72 5.66 13.61
C VAL A 121 31.86 4.92 12.87
N ASP A 122 31.51 4.09 11.89
CA ASP A 122 32.52 3.36 11.15
C ASP A 122 33.16 4.19 10.03
N VAL A 123 32.38 5.11 9.47
CA VAL A 123 32.79 5.87 8.28
C VAL A 123 32.11 7.20 8.30
N LEU A 124 32.90 8.23 8.11
CA LEU A 124 32.49 9.60 8.05
C LEU A 124 32.46 10.06 6.64
N LEU A 125 31.35 10.71 6.32
CA LEU A 125 31.12 11.21 4.98
C LEU A 125 31.23 12.70 5.08
N ILE A 126 32.20 13.27 4.38
CA ILE A 126 32.31 14.68 4.26
C ILE A 126 31.81 14.96 2.88
N ASP A 127 30.61 15.47 2.79
CA ASP A 127 29.97 15.48 1.49
C ASP A 127 29.55 16.88 1.12
N SER A 128 29.77 17.19 -0.14
CA SER A 128 29.53 18.50 -0.62
C SER A 128 28.98 18.33 -2.01
N SER A 129 28.25 19.37 -2.47
CA SER A 129 27.86 19.45 -3.84
C SER A 129 29.02 19.77 -4.70
N HIS A 130 30.17 20.13 -4.12
CA HIS A 130 31.36 20.36 -4.93
C HIS A 130 32.62 19.86 -4.22
N GLY A 131 32.92 18.59 -4.38
CA GLY A 131 34.06 17.96 -3.78
C GLY A 131 35.39 18.48 -4.24
N HIS A 132 35.44 19.10 -5.42
CA HIS A 132 36.69 19.65 -5.90
C HIS A 132 36.88 21.09 -5.36
N SER A 133 36.03 21.56 -4.45
CA SER A 133 36.17 22.87 -3.82
C SER A 133 37.37 22.84 -2.90
N GLU A 134 38.19 23.88 -2.88
CA GLU A 134 39.36 23.90 -1.94
C GLU A 134 38.93 23.79 -0.46
N GLY A 135 37.84 24.42 -0.10
CA GLY A 135 37.27 24.26 1.24
C GLY A 135 37.05 22.80 1.58
N VAL A 136 36.49 22.03 0.65
CA VAL A 136 36.20 20.65 0.98
C VAL A 136 37.53 19.88 1.16
N LEU A 137 38.46 20.12 0.26
CA LEU A 137 39.77 19.41 0.29
C LEU A 137 40.54 19.73 1.61
N GLN A 138 40.42 20.96 2.11
CA GLN A 138 41.11 21.35 3.31
CA GLN A 138 41.06 21.38 3.35
C GLN A 138 40.39 20.70 4.51
N ARG A 139 39.06 20.61 4.50
CA ARG A 139 38.34 19.93 5.63
C ARG A 139 38.73 18.44 5.69
N ILE A 140 38.90 17.82 4.52
CA ILE A 140 39.35 16.44 4.45
C ILE A 140 40.77 16.30 5.06
N ARG A 141 41.71 17.15 4.65
CA ARG A 141 43.07 17.13 5.19
C ARG A 141 43.06 17.30 6.72
N GLU A 142 42.33 18.27 7.21
CA GLU A 142 42.29 18.50 8.63
C GLU A 142 41.67 17.31 9.36
N THR A 143 40.65 16.71 8.78
CA THR A 143 39.99 15.59 9.44
C THR A 143 40.88 14.37 9.42
N ARG A 144 41.56 14.15 8.30
CA ARG A 144 42.55 13.08 8.20
C ARG A 144 43.75 13.24 9.19
N ALA A 145 44.21 14.47 9.44
CA ALA A 145 45.35 14.71 10.40
C ALA A 145 44.80 14.49 11.80
N ALA A 146 43.59 14.97 12.08
CA ALA A 146 42.97 14.77 13.38
C ALA A 146 42.63 13.30 13.69
N TYR A 147 42.18 12.54 12.70
CA TYR A 147 41.74 11.16 12.88
C TYR A 147 42.44 10.23 11.85
N PRO A 148 43.71 9.93 12.06
CA PRO A 148 44.48 9.21 11.01
C PRO A 148 43.93 7.84 10.62
N HIS A 149 43.08 7.25 11.45
CA HIS A 149 42.54 5.95 11.12
C HIS A 149 41.04 5.92 10.91
N LEU A 150 40.41 7.08 10.86
CA LEU A 150 39.04 7.15 10.52
C LEU A 150 38.87 6.94 9.00
N GLU A 151 37.92 6.05 8.61
CA GLU A 151 37.58 5.92 7.20
C GLU A 151 36.77 7.16 6.85
N ILE A 152 37.17 7.81 5.77
CA ILE A 152 36.55 9.02 5.33
C ILE A 152 36.19 8.87 3.87
N ILE A 153 34.93 9.13 3.56
CA ILE A 153 34.50 9.25 2.18
C ILE A 153 34.40 10.73 1.87
N GLY A 154 34.96 11.16 0.76
CA GLY A 154 34.82 12.53 0.32
C GLY A 154 34.19 12.57 -1.06
N GLY A 155 33.42 13.61 -1.32
CA GLY A 155 32.75 13.79 -2.63
C GLY A 155 32.00 15.09 -2.59
N ASN A 156 31.28 15.42 -3.65
CA ASN A 156 31.18 14.61 -4.88
C ASN A 156 32.04 15.23 -5.94
N VAL A 157 32.68 14.39 -6.75
CA VAL A 157 33.33 14.83 -7.95
C VAL A 157 32.75 14.09 -9.16
N ALA A 158 33.16 14.55 -10.34
CA ALA A 158 32.71 13.97 -11.60
C ALA A 158 33.82 13.90 -12.64
N THR A 159 35.08 14.02 -12.22
CA THR A 159 36.23 14.06 -13.14
C THR A 159 37.41 13.25 -12.60
N ALA A 160 38.37 12.90 -13.46
CA ALA A 160 39.65 12.30 -13.01
C ALA A 160 40.38 13.20 -11.97
N GLU A 161 40.52 14.48 -12.32
CA GLU A 161 41.21 15.49 -11.52
CA GLU A 161 41.33 15.33 -11.48
C GLU A 161 40.62 15.61 -10.14
N GLY A 162 39.30 15.61 -10.09
CA GLY A 162 38.68 15.66 -8.81
C GLY A 162 38.92 14.42 -7.95
N ALA A 163 38.82 13.24 -8.53
CA ALA A 163 39.06 12.01 -7.82
C ALA A 163 40.48 12.06 -7.25
N ARG A 164 41.42 12.53 -8.07
CA ARG A 164 42.81 12.60 -7.64
C ARG A 164 43.01 13.58 -6.48
N ALA A 165 42.41 14.76 -6.55
CA ALA A 165 42.55 15.75 -5.48
C ALA A 165 41.96 15.17 -4.18
N LEU A 166 40.84 14.47 -4.26
CA LEU A 166 40.28 13.85 -3.06
C LEU A 166 41.23 12.76 -2.47
N ILE A 167 41.86 11.99 -3.34
CA ILE A 167 42.73 10.91 -2.89
C ILE A 167 43.97 11.51 -2.17
N GLU A 168 44.55 12.49 -2.82
CA GLU A 168 45.69 13.18 -2.24
CA GLU A 168 45.67 13.22 -2.27
C GLU A 168 45.29 13.95 -0.96
N ALA A 169 44.04 14.33 -0.78
CA ALA A 169 43.64 14.98 0.47
C ALA A 169 43.50 13.97 1.62
N GLY A 170 43.34 12.67 1.30
CA GLY A 170 43.33 11.60 2.32
C GLY A 170 42.07 10.73 2.39
N VAL A 171 41.19 10.82 1.42
CA VAL A 171 39.95 10.06 1.49
C VAL A 171 40.22 8.55 1.43
N SER A 172 39.32 7.79 2.01
CA SER A 172 39.36 6.32 1.93
C SER A 172 38.50 5.75 0.80
N ALA A 173 37.60 6.59 0.28
CA ALA A 173 36.80 6.34 -0.95
C ALA A 173 36.36 7.71 -1.56
N VAL A 174 36.14 7.71 -2.87
CA VAL A 174 35.71 8.87 -3.67
C VAL A 174 34.25 8.68 -4.03
N LYS A 175 33.40 9.64 -3.76
CA LYS A 175 32.03 9.54 -4.16
C LYS A 175 31.78 10.39 -5.39
N VAL A 176 31.14 9.79 -6.38
CA VAL A 176 31.01 10.39 -7.69
C VAL A 176 29.56 10.73 -8.05
N GLY A 177 29.38 11.98 -8.48
CA GLY A 177 28.13 12.39 -9.07
C GLY A 177 27.86 13.86 -8.87
N ILE A 178 27.80 14.58 -9.99
CA ILE A 178 27.42 16.00 -9.91
C ILE A 178 26.17 16.14 -10.75
N GLY A 179 25.02 16.30 -10.09
CA GLY A 179 23.78 16.47 -10.79
C GLY A 179 22.88 15.34 -11.34
N PRO A 180 23.23 14.03 -11.17
CA PRO A 180 22.37 13.00 -11.74
C PRO A 180 21.19 12.64 -10.88
N GLY A 181 21.11 13.15 -9.65
CA GLY A 181 20.02 12.74 -8.76
C GLY A 181 18.58 13.03 -9.23
N SER A 182 17.69 12.13 -8.89
CA SER A 182 16.27 12.27 -9.16
C SER A 182 15.76 13.67 -8.80
N ILE A 183 16.15 14.16 -7.63
CA ILE A 183 15.55 15.36 -7.04
C ILE A 183 16.44 16.59 -7.30
N CYS A 184 17.40 16.42 -8.15
CA CYS A 184 18.37 17.46 -8.41
C CYS A 184 18.09 18.37 -9.60
N THR A 185 18.26 19.67 -9.38
CA THR A 185 18.12 20.66 -10.43
C THR A 185 19.45 21.37 -10.66
N THR A 186 20.57 20.93 -10.03
CA THR A 186 21.88 21.57 -10.22
C THR A 186 22.24 21.79 -11.67
N ARG A 187 22.11 20.76 -12.49
CA ARG A 187 22.55 20.92 -13.89
C ARG A 187 21.71 21.91 -14.62
N ILE A 188 20.44 22.04 -14.27
CA ILE A 188 19.59 22.97 -14.93
C ILE A 188 19.80 24.43 -14.43
N VAL A 189 19.99 24.58 -13.15
CA VAL A 189 20.10 25.87 -12.50
C VAL A 189 21.54 26.47 -12.64
N THR A 190 22.54 25.62 -12.74
CA THR A 190 23.96 26.02 -12.90
C THR A 190 24.54 25.77 -14.27
N GLY A 191 24.08 24.73 -14.94
CA GLY A 191 24.60 24.38 -16.27
C GLY A 191 25.75 23.42 -16.14
N VAL A 192 26.07 23.00 -14.91
CA VAL A 192 27.22 22.18 -14.59
C VAL A 192 26.86 20.76 -14.27
N GLY A 193 27.60 19.81 -14.83
CA GLY A 193 27.37 18.40 -14.57
C GLY A 193 28.13 17.52 -15.55
N VAL A 194 28.24 16.25 -15.23
CA VAL A 194 28.79 15.26 -16.12
C VAL A 194 27.92 14.06 -16.05
N PRO A 195 27.41 13.61 -17.23
CA PRO A 195 26.68 12.34 -17.31
C PRO A 195 27.38 11.20 -16.56
N GLN A 196 26.59 10.47 -15.83
CA GLN A 196 27.07 9.72 -14.68
C GLN A 196 27.96 8.52 -15.08
N ILE A 197 27.76 7.86 -16.23
CA ILE A 197 28.54 6.69 -16.55
C ILE A 197 29.98 7.19 -16.87
N THR A 198 30.06 8.27 -17.61
CA THR A 198 31.38 8.88 -17.90
C THR A 198 32.10 9.40 -16.63
N ALA A 199 31.33 9.99 -15.74
CA ALA A 199 31.85 10.51 -14.45
C ALA A 199 32.48 9.34 -13.62
N ILE A 200 31.76 8.22 -13.54
CA ILE A 200 32.25 7.05 -12.74
C ILE A 200 33.51 6.54 -13.39
N ALA A 201 33.50 6.39 -14.71
CA ALA A 201 34.70 5.80 -15.37
C ALA A 201 35.92 6.70 -15.25
N ASP A 202 35.73 8.01 -15.41
CA ASP A 202 36.88 8.94 -15.30
C ASP A 202 37.48 8.90 -13.85
N ALA A 203 36.62 8.94 -12.84
CA ALA A 203 37.03 8.88 -11.44
C ALA A 203 37.76 7.55 -11.15
N ALA A 204 37.21 6.43 -11.62
CA ALA A 204 37.75 5.12 -11.39
C ALA A 204 39.08 4.96 -12.07
N GLY A 205 39.27 5.60 -13.21
CA GLY A 205 40.59 5.43 -13.87
C GLY A 205 41.71 5.94 -12.95
N VAL A 206 41.40 6.89 -12.07
CA VAL A 206 42.39 7.42 -11.15
C VAL A 206 42.41 6.58 -9.89
N ALA A 207 41.24 6.44 -9.26
CA ALA A 207 41.12 5.74 -8.02
C ALA A 207 41.66 4.28 -8.08
N ASN A 208 41.46 3.61 -9.21
CA ASN A 208 41.98 2.25 -9.44
C ASN A 208 43.45 2.17 -9.17
N GLU A 209 44.17 3.23 -9.50
CA GLU A 209 45.63 3.23 -9.36
C GLU A 209 46.07 3.23 -7.91
N TYR A 210 45.20 3.69 -7.05
CA TYR A 210 45.54 3.75 -5.66
C TYR A 210 44.76 2.70 -4.88
N GLY A 211 43.99 1.84 -5.54
CA GLY A 211 43.18 0.84 -4.83
C GLY A 211 42.03 1.47 -4.04
N ILE A 212 41.62 2.66 -4.42
CA ILE A 212 40.62 3.37 -3.65
C ILE A 212 39.25 3.13 -4.34
N PRO A 213 38.23 2.63 -3.62
CA PRO A 213 36.93 2.44 -4.29
C PRO A 213 36.24 3.75 -4.63
N VAL A 214 35.40 3.68 -5.65
CA VAL A 214 34.52 4.77 -6.09
C VAL A 214 33.11 4.32 -5.77
N ILE A 215 32.38 5.24 -5.14
CA ILE A 215 30.95 5.13 -4.87
C ILE A 215 30.15 5.94 -5.91
N ALA A 216 29.29 5.26 -6.67
CA ALA A 216 28.45 5.94 -7.68
C ALA A 216 27.15 6.45 -7.04
N ASP A 217 27.02 7.76 -6.98
CA ASP A 217 25.95 8.41 -6.22
C ASP A 217 25.00 9.21 -7.09
N GLY A 218 23.75 8.75 -7.22
CA GLY A 218 22.70 9.46 -7.86
C GLY A 218 22.31 8.92 -9.23
N GLY A 219 21.03 8.99 -9.55
CA GLY A 219 20.64 8.64 -10.91
C GLY A 219 20.28 7.17 -11.16
N ILE A 220 20.40 6.35 -10.12
CA ILE A 220 20.08 4.95 -10.19
C ILE A 220 18.56 4.84 -10.10
N ARG A 221 17.91 4.32 -11.13
CA ARG A 221 16.43 4.23 -11.11
C ARG A 221 15.98 2.79 -11.15
N PHE A 222 16.66 1.95 -11.94
CA PHE A 222 16.26 0.53 -12.09
C PHE A 222 17.46 -0.30 -11.69
N SER A 223 17.27 -1.58 -11.37
CA SER A 223 18.38 -2.41 -10.92
C SER A 223 19.49 -2.54 -11.99
N GLY A 224 19.14 -2.48 -13.28
CA GLY A 224 20.11 -2.43 -14.35
C GLY A 224 21.05 -1.28 -14.33
N ASP A 225 20.65 -0.17 -13.70
CA ASP A 225 21.57 0.98 -13.55
C ASP A 225 22.70 0.67 -12.54
N ILE A 226 22.38 -0.13 -11.52
CA ILE A 226 23.39 -0.66 -10.60
C ILE A 226 24.45 -1.45 -11.34
N SER A 227 24.03 -2.39 -12.19
CA SER A 227 24.99 -3.17 -12.96
C SER A 227 25.93 -2.28 -13.76
N LYS A 228 25.33 -1.33 -14.47
CA LYS A 228 26.05 -0.39 -15.32
C LYS A 228 27.02 0.50 -14.54
N ALA A 229 26.55 1.03 -13.42
CA ALA A 229 27.41 1.82 -12.56
C ALA A 229 28.67 1.03 -12.08
N ILE A 230 28.51 -0.23 -11.74
CA ILE A 230 29.62 -1.01 -11.33
C ILE A 230 30.53 -1.30 -12.54
N ALA A 231 29.96 -1.73 -13.66
CA ALA A 231 30.79 -2.02 -14.83
C ALA A 231 31.57 -0.80 -15.29
N ALA A 232 30.99 0.36 -15.07
CA ALA A 232 31.69 1.61 -15.32
C ALA A 232 32.89 1.88 -14.36
N GLY A 233 33.00 1.17 -13.23
CA GLY A 233 34.13 1.32 -12.29
C GLY A 233 33.80 1.48 -10.81
N ALA A 234 32.52 1.69 -10.49
CA ALA A 234 32.13 1.79 -9.12
C ALA A 234 32.27 0.50 -8.37
N SER A 235 32.65 0.59 -7.10
CA SER A 235 32.61 -0.56 -6.22
C SER A 235 31.23 -0.75 -5.54
N CYS A 236 30.49 0.31 -5.36
CA CYS A 236 29.10 0.23 -4.90
C CYS A 236 28.37 1.50 -5.31
N VAL A 237 27.08 1.52 -5.08
CA VAL A 237 26.28 2.66 -5.51
C VAL A 237 25.62 3.25 -4.30
N MET A 238 25.36 4.54 -4.36
CA MET A 238 24.56 5.20 -3.37
C MET A 238 23.22 5.59 -3.96
N VAL A 239 22.14 5.34 -3.20
CA VAL A 239 20.81 5.59 -3.75
C VAL A 239 19.99 6.37 -2.75
N GLY A 240 19.17 7.27 -3.29
CA GLY A 240 18.20 7.96 -2.52
C GLY A 240 16.80 7.51 -2.90
N SER A 241 16.39 7.83 -4.11
CA SER A 241 15.04 7.61 -4.48
CA SER A 241 15.06 7.58 -4.61
C SER A 241 14.66 6.11 -4.45
N MET A 242 15.58 5.19 -4.79
CA MET A 242 15.24 3.77 -4.72
C MET A 242 14.88 3.30 -3.29
N PHE A 243 15.40 3.95 -2.24
CA PHE A 243 15.06 3.61 -0.87
C PHE A 243 14.03 4.52 -0.24
N ALA A 244 13.85 5.72 -0.76
CA ALA A 244 12.81 6.58 -0.28
C ALA A 244 11.48 5.96 -0.55
N GLY A 245 10.51 6.25 0.31
CA GLY A 245 9.24 5.58 0.17
C GLY A 245 9.19 4.17 0.79
N THR A 246 10.31 3.62 1.23
CA THR A 246 10.22 2.36 1.97
C THR A 246 9.66 2.60 3.37
N GLU A 247 9.16 1.55 3.98
CA GLU A 247 8.61 1.61 5.32
C GLU A 247 9.63 2.12 6.33
N GLU A 248 10.91 1.72 6.15
CA GLU A 248 11.93 2.05 7.09
C GLU A 248 12.47 3.48 6.90
N ALA A 249 12.30 4.07 5.70
CA ALA A 249 12.71 5.47 5.49
C ALA A 249 11.95 6.38 6.43
N PRO A 250 12.53 7.54 6.80
CA PRO A 250 11.85 8.47 7.68
C PRO A 250 10.52 9.00 7.11
N GLY A 251 9.59 9.36 7.99
CA GLY A 251 8.34 10.06 7.57
C GLY A 251 7.16 9.13 7.43
N GLU A 252 5.95 9.68 7.45
CA GLU A 252 4.75 8.83 7.39
C GLU A 252 4.28 8.68 5.96
N VAL A 253 3.50 7.63 5.74
CA VAL A 253 2.85 7.40 4.47
C VAL A 253 1.76 8.43 4.26
N ILE A 254 1.70 8.99 3.06
CA ILE A 254 0.67 10.02 2.71
C ILE A 254 -0.18 9.34 1.67
N LEU A 255 -1.48 9.44 1.82
CA LEU A 255 -2.42 8.97 0.84
C LEU A 255 -2.92 10.15 0.00
N TYR A 256 -2.77 10.03 -1.30
CA TYR A 256 -3.14 11.12 -2.21
C TYR A 256 -3.60 10.53 -3.49
N GLN A 257 -4.85 10.87 -3.80
CA GLN A 257 -5.56 10.46 -5.02
C GLN A 257 -5.48 8.97 -5.30
N GLY A 258 -5.79 8.18 -4.30
CA GLY A 258 -5.74 6.74 -4.38
C GLY A 258 -4.41 6.07 -4.22
N ARG A 259 -3.34 6.84 -4.09
CA ARG A 259 -1.99 6.27 -4.09
C ARG A 259 -1.29 6.61 -2.79
N SER A 260 -0.27 5.80 -2.47
CA SER A 260 0.42 5.90 -1.19
C SER A 260 1.81 6.43 -1.42
N TYR A 261 2.21 7.45 -0.66
CA TYR A 261 3.49 8.10 -0.84
C TYR A 261 4.26 8.37 0.43
N LYS A 262 5.56 8.61 0.28
CA LYS A 262 6.30 9.29 1.32
C LYS A 262 7.00 10.47 0.69
N ALA A 263 7.23 11.51 1.50
CA ALA A 263 8.02 12.67 1.11
C ALA A 263 9.43 12.23 0.73
N TYR A 264 9.93 12.84 -0.33
CA TYR A 264 11.33 12.67 -0.74
C TYR A 264 11.79 14.04 -1.23
N ARG A 265 12.87 14.58 -0.66
CA ARG A 265 13.33 15.88 -1.08
C ARG A 265 14.84 16.01 -1.17
N GLY A 266 15.33 16.84 -2.07
CA GLY A 266 16.77 17.10 -2.13
C GLY A 266 17.23 17.81 -0.85
N MET A 267 18.47 17.56 -0.45
CA MET A 267 19.00 18.23 0.71
C MET A 267 19.38 19.67 0.37
N GLY A 268 19.40 19.98 -0.93
CA GLY A 268 19.55 21.35 -1.39
C GLY A 268 18.22 22.03 -1.65
N SER A 269 17.09 21.40 -1.27
CA SER A 269 15.75 22.00 -1.48
C SER A 269 15.48 23.06 -0.44
N LEU A 270 14.59 24.01 -0.70
CA LEU A 270 14.31 25.09 0.25
C LEU A 270 13.90 24.49 1.60
N GLY A 271 13.05 23.47 1.61
CA GLY A 271 12.61 22.83 2.88
C GLY A 271 13.67 22.11 3.71
N ALA A 272 14.52 21.36 3.04
CA ALA A 272 15.66 20.73 3.71
C ALA A 272 16.66 21.77 4.27
N MET A 273 16.79 22.92 3.59
CA MET A 273 17.76 23.94 4.01
C MET A 273 17.20 24.81 5.14
N SER A 274 15.88 24.82 5.32
CA SER A 274 15.29 25.49 6.48
C SER A 274 14.78 24.49 7.49
N LYS A 290 17.75 35.38 0.51
CA LYS A 290 16.87 34.41 -0.13
C LYS A 290 17.68 33.28 -0.77
N LEU A 291 17.38 32.05 -0.34
CA LEU A 291 18.11 30.88 -0.80
C LEU A 291 17.83 30.57 -2.29
N VAL A 292 18.87 30.09 -2.97
CA VAL A 292 18.71 29.64 -4.33
C VAL A 292 18.90 28.11 -4.37
N PRO A 293 17.78 27.38 -4.41
CA PRO A 293 17.89 25.91 -4.22
C PRO A 293 18.46 25.14 -5.44
N GLU A 294 18.98 23.97 -5.16
CA GLU A 294 19.47 23.08 -6.20
C GLU A 294 18.81 21.68 -6.16
N GLY A 295 17.62 21.65 -5.55
CA GLY A 295 16.86 20.45 -5.50
C GLY A 295 15.41 20.84 -5.28
N ILE A 296 14.53 19.83 -5.34
CA ILE A 296 13.08 19.99 -5.17
C ILE A 296 12.59 19.09 -4.05
N GLU A 297 11.34 19.38 -3.66
CA GLU A 297 10.55 18.71 -2.64
C GLU A 297 9.48 17.96 -3.38
N GLY A 298 9.35 16.68 -3.06
CA GLY A 298 8.51 15.81 -3.82
C GLY A 298 7.92 14.65 -3.01
N ARG A 299 7.28 13.74 -3.73
CA ARG A 299 6.76 12.53 -3.14
C ARG A 299 7.14 11.37 -4.03
N ILE A 300 7.29 10.22 -3.42
CA ILE A 300 7.80 9.07 -4.08
C ILE A 300 6.83 7.94 -3.63
N ALA A 301 6.51 7.01 -4.53
CA ALA A 301 5.53 5.97 -4.28
C ALA A 301 6.01 5.14 -3.07
N TYR A 302 5.05 4.80 -2.23
CA TYR A 302 5.32 3.90 -1.13
C TYR A 302 5.76 2.58 -1.72
N LYS A 303 6.79 2.01 -1.12
CA LYS A 303 7.52 0.86 -1.66
C LYS A 303 7.41 -0.37 -0.73
N GLY A 304 6.85 -0.27 0.48
CA GLY A 304 6.90 -1.43 1.41
C GLY A 304 8.30 -1.65 2.04
N HIS A 305 8.61 -2.87 2.43
CA HIS A 305 9.79 -3.08 3.27
C HIS A 305 11.06 -3.05 2.47
N LEU A 306 12.07 -2.41 3.04
CA LEU A 306 13.38 -2.33 2.39
C LEU A 306 13.92 -3.69 1.95
N LYS A 307 13.73 -4.73 2.78
CA LYS A 307 14.26 -6.05 2.52
C LYS A 307 13.76 -6.59 1.18
N GLU A 308 12.48 -6.41 0.86
CA GLU A 308 11.99 -6.91 -0.45
CA GLU A 308 11.93 -6.86 -0.42
C GLU A 308 12.54 -6.12 -1.63
N ILE A 309 12.68 -4.81 -1.49
CA ILE A 309 13.27 -3.93 -2.52
C ILE A 309 14.67 -4.37 -2.80
N ILE A 310 15.42 -4.59 -1.73
CA ILE A 310 16.79 -5.02 -1.86
C ILE A 310 16.88 -6.37 -2.55
N HIS A 311 15.99 -7.28 -2.22
CA HIS A 311 15.97 -8.58 -2.88
C HIS A 311 15.73 -8.44 -4.39
N GLN A 312 14.80 -7.60 -4.79
CA GLN A 312 14.54 -7.35 -6.23
C GLN A 312 15.72 -6.70 -6.95
N GLN A 313 16.31 -5.68 -6.34
CA GLN A 313 17.45 -4.98 -6.99
C GLN A 313 18.69 -5.86 -7.10
N MET A 314 18.99 -6.61 -6.06
CA MET A 314 20.14 -7.54 -6.06
C MET A 314 19.80 -8.73 -6.97
N GLY A 315 18.53 -9.04 -7.12
CA GLY A 315 18.13 -10.07 -8.08
C GLY A 315 18.52 -9.69 -9.51
N GLY A 316 18.37 -8.41 -9.82
CA GLY A 316 18.66 -7.92 -11.13
C GLY A 316 20.16 -7.96 -11.34
N LEU A 317 20.90 -7.51 -10.33
CA LEU A 317 22.36 -7.51 -10.41
C LEU A 317 22.91 -8.93 -10.57
N ARG A 318 22.37 -9.85 -9.78
CA ARG A 318 22.68 -11.27 -9.89
C ARG A 318 22.43 -11.81 -11.31
N SER A 319 21.29 -11.47 -11.89
CA SER A 319 20.98 -11.95 -13.22
C SER A 319 21.95 -11.35 -14.30
N CYS A 320 22.35 -10.12 -14.12
CA CYS A 320 23.43 -9.51 -14.93
C CYS A 320 24.77 -10.23 -14.84
N MET A 321 25.16 -10.60 -13.62
CA MET A 321 26.40 -11.33 -13.38
C MET A 321 26.33 -12.69 -14.03
N GLY A 322 25.16 -13.33 -14.00
CA GLY A 322 25.00 -14.55 -14.77
C GLY A 322 25.15 -14.31 -16.27
N LEU A 323 24.47 -13.27 -16.78
CA LEU A 323 24.53 -12.97 -18.23
C LEU A 323 25.93 -12.54 -18.72
N THR A 324 26.72 -11.92 -17.86
CA THR A 324 27.99 -11.38 -18.22
C THR A 324 29.16 -12.30 -17.88
N GLY A 325 28.85 -13.40 -17.23
CA GLY A 325 29.88 -14.33 -16.71
C GLY A 325 30.77 -13.67 -15.66
N SER A 326 30.21 -12.78 -14.85
CA SER A 326 30.96 -12.09 -13.83
C SER A 326 30.78 -12.81 -12.49
N ALA A 327 31.82 -13.50 -12.03
CA ALA A 327 31.67 -14.34 -10.82
C ALA A 327 31.58 -13.47 -9.59
N THR A 328 32.26 -12.34 -9.61
CA THR A 328 32.37 -11.44 -8.49
C THR A 328 32.11 -10.02 -9.00
N VAL A 329 31.93 -9.12 -8.06
CA VAL A 329 31.71 -7.72 -8.40
C VAL A 329 32.94 -7.13 -9.09
N GLU A 330 34.13 -7.49 -8.64
CA GLU A 330 35.37 -7.11 -9.33
C GLU A 330 35.42 -7.50 -10.79
N ASP A 331 35.00 -8.72 -11.11
CA ASP A 331 34.87 -9.08 -12.54
C ASP A 331 33.94 -8.15 -13.37
N LEU A 332 32.76 -7.82 -12.85
CA LEU A 332 31.83 -6.90 -13.47
C LEU A 332 32.49 -5.51 -13.62
N ARG A 333 33.17 -5.08 -12.56
CA ARG A 333 33.76 -3.77 -12.48
C ARG A 333 34.97 -3.54 -13.38
N THR A 334 35.71 -4.59 -13.68
CA THR A 334 36.95 -4.43 -14.44
C THR A 334 36.92 -5.17 -15.73
N LYS A 335 35.99 -6.09 -15.96
CA LYS A 335 36.03 -6.87 -17.21
C LYS A 335 34.78 -6.78 -18.12
N ALA A 336 33.60 -6.50 -17.59
CA ALA A 336 32.43 -6.50 -18.46
C ALA A 336 32.55 -5.40 -19.52
N GLN A 337 31.89 -5.62 -20.66
CA GLN A 337 31.94 -4.65 -21.77
C GLN A 337 30.55 -4.09 -22.04
N PHE A 338 30.57 -2.87 -22.57
CA PHE A 338 29.39 -2.15 -22.99
C PHE A 338 29.29 -2.03 -24.48
N VAL A 339 28.04 -1.82 -24.94
CA VAL A 339 27.75 -1.28 -26.25
C VAL A 339 27.06 0.04 -26.06
N ARG A 340 27.31 0.96 -26.96
CA ARG A 340 26.65 2.25 -26.96
CA ARG A 340 26.65 2.25 -26.97
C ARG A 340 25.38 2.12 -27.78
N ILE A 341 24.26 2.64 -27.29
CA ILE A 341 22.97 2.54 -28.01
C ILE A 341 22.34 3.92 -28.34
N SER A 342 21.39 3.93 -29.28
CA SER A 342 20.66 5.12 -29.61
C SER A 342 19.40 5.24 -28.74
N GLY A 343 18.68 6.33 -28.90
CA GLY A 343 17.31 6.43 -28.34
C GLY A 343 16.40 5.27 -28.75
N ALA A 344 16.48 4.82 -29.98
CA ALA A 344 15.61 3.70 -30.40
C ALA A 344 15.99 2.41 -29.65
N GLY A 345 17.30 2.22 -29.46
CA GLY A 345 17.81 1.14 -28.65
C GLY A 345 17.22 1.16 -27.23
N MET A 346 17.09 2.33 -26.61
CA MET A 346 16.64 2.38 -25.23
C MET A 346 15.16 2.01 -25.20
N LYS A 347 14.44 2.48 -26.20
CA LYS A 347 12.97 2.23 -26.30
C LYS A 347 12.63 0.74 -26.50
N GLU A 348 13.49 0.09 -27.27
CA GLU A 348 13.41 -1.38 -27.43
C GLU A 348 13.67 -2.12 -26.10
N SER A 349 14.51 -1.56 -25.25
CA SER A 349 14.92 -2.20 -24.00
C SER A 349 13.78 -2.19 -22.97
N HIS A 350 12.98 -1.13 -22.98
CA HIS A 350 11.81 -1.08 -22.10
C HIS A 350 10.78 -1.98 -22.68
N VAL A 351 9.73 -2.21 -21.88
CA VAL A 351 8.52 -2.85 -22.39
C VAL A 351 7.89 -1.96 -23.43
N HIS A 352 7.38 -2.55 -24.51
CA HIS A 352 6.88 -1.80 -25.60
C HIS A 352 5.86 -2.58 -26.29
N ASP A 353 4.90 -1.84 -26.84
CA ASP A 353 3.84 -2.34 -27.74
C ASP A 353 2.94 -3.38 -27.06
N VAL A 354 2.72 -3.24 -25.74
CA VAL A 354 1.84 -4.14 -24.98
C VAL A 354 1.32 -3.36 -23.78
N GLN A 355 0.07 -3.53 -23.40
CA GLN A 355 -0.45 -2.87 -22.20
C GLN A 355 -0.21 -3.76 -20.98
N ILE A 356 0.53 -3.25 -19.99
CA ILE A 356 0.85 -3.98 -18.77
C ILE A 356 -0.40 -4.13 -17.87
N THR A 357 -0.75 -5.33 -17.44
CA THR A 357 -2.00 -5.50 -16.62
C THR A 357 -1.66 -5.70 -15.13
N LYS A 358 -0.41 -5.95 -14.83
CA LYS A 358 0.05 -6.18 -13.44
C LYS A 358 1.47 -5.62 -13.35
N GLU A 359 1.73 -4.70 -12.43
CA GLU A 359 3.08 -4.18 -12.31
C GLU A 359 3.93 -5.27 -11.71
N ALA A 360 5.09 -5.50 -12.29
CA ALA A 360 6.13 -6.32 -11.72
C ALA A 360 6.78 -5.53 -10.58
N PRO A 361 7.19 -6.24 -9.49
CA PRO A 361 7.84 -5.52 -8.40
C PRO A 361 9.14 -4.83 -8.78
N ASN A 362 9.84 -5.23 -9.85
CA ASN A 362 11.13 -4.58 -10.22
C ASN A 362 11.03 -3.62 -11.44
N TYR A 363 9.81 -3.27 -11.84
CA TYR A 363 9.60 -2.45 -13.01
C TYR A 363 8.33 -1.67 -12.76
N ARG A 364 8.34 -0.76 -11.80
CA ARG A 364 7.14 0.01 -11.49
C ARG A 364 7.34 1.37 -12.13
N LEU A 365 6.52 1.67 -13.13
CA LEU A 365 6.54 2.98 -13.78
C LEU A 365 5.41 3.86 -13.16
N GLY A 366 4.18 3.35 -13.20
CA GLY A 366 2.95 4.10 -12.99
C GLY A 366 2.00 3.74 -14.14
N MET B 4 -58.37 6.21 -14.46
CA MET B 4 -57.48 5.83 -15.60
C MET B 4 -56.09 5.42 -15.00
N HIS B 5 -55.21 6.36 -14.73
CA HIS B 5 -53.86 6.01 -14.17
C HIS B 5 -53.19 4.89 -14.95
N MET B 6 -53.06 5.10 -16.25
CA MET B 6 -52.50 4.09 -17.14
C MET B 6 -51.11 3.61 -16.71
N LEU B 7 -50.31 4.50 -16.16
CA LEU B 7 -48.98 4.11 -15.70
C LEU B 7 -49.13 3.70 -14.23
N ARG B 8 -48.83 2.44 -13.93
CA ARG B 8 -49.09 1.85 -12.60
C ARG B 8 -47.91 2.09 -11.63
N ILE B 9 -47.80 3.34 -11.19
CA ILE B 9 -46.80 3.76 -10.22
C ILE B 9 -47.33 3.66 -8.80
N ALA B 10 -46.70 2.79 -8.02
CA ALA B 10 -47.18 2.43 -6.69
C ALA B 10 -46.87 3.61 -5.77
N LYS B 11 -45.64 4.14 -5.89
CA LYS B 11 -45.17 5.25 -5.05
C LYS B 11 -43.79 5.72 -5.51
N GLU B 12 -43.32 6.78 -4.90
CA GLU B 12 -41.97 7.24 -5.07
C GLU B 12 -41.06 6.51 -4.09
N ALA B 13 -39.80 6.35 -4.43
CA ALA B 13 -38.94 5.57 -3.55
C ALA B 13 -37.55 6.20 -3.47
N LEU B 14 -36.93 6.05 -2.31
CA LEU B 14 -35.74 6.83 -1.97
C LEU B 14 -34.58 5.95 -1.64
N THR B 15 -33.39 6.50 -1.88
CA THR B 15 -32.23 5.81 -1.45
C THR B 15 -31.37 6.71 -0.54
N PHE B 16 -30.20 6.21 -0.18
CA PHE B 16 -29.30 6.85 0.81
C PHE B 16 -29.05 8.32 0.51
N ASP B 17 -28.65 8.63 -0.71
CA ASP B 17 -28.37 10.02 -1.08
C ASP B 17 -29.60 10.95 -1.20
N ASP B 18 -30.83 10.43 -0.99
CA ASP B 18 -32.01 11.25 -1.04
C ASP B 18 -32.33 11.86 0.31
N VAL B 19 -31.63 11.42 1.37
CA VAL B 19 -32.00 11.72 2.73
C VAL B 19 -30.79 12.03 3.66
N LEU B 20 -31.08 12.78 4.73
CA LEU B 20 -30.09 13.00 5.80
C LEU B 20 -30.82 12.88 7.12
N LEU B 21 -30.12 12.39 8.13
CA LEU B 21 -30.67 12.33 9.47
C LEU B 21 -30.57 13.73 10.17
N VAL B 22 -31.54 14.04 11.02
CA VAL B 22 -31.68 15.33 11.65
C VAL B 22 -31.01 15.27 13.05
N PRO B 23 -30.08 16.21 13.34
CA PRO B 23 -29.50 16.22 14.67
C PRO B 23 -30.59 16.53 15.73
N ALA B 24 -30.38 16.06 16.96
CA ALA B 24 -31.34 16.26 18.03
C ALA B 24 -30.63 16.48 19.35
N HIS B 25 -31.39 16.82 20.37
CA HIS B 25 -30.85 16.93 21.70
C HIS B 25 -30.24 15.63 22.12
N SER B 26 -29.07 15.67 22.74
CA SER B 26 -28.34 14.43 23.01
C SER B 26 -27.61 14.48 24.33
N THR B 27 -27.71 13.39 25.10
CA THR B 27 -26.85 13.16 26.25
C THR B 27 -25.97 11.98 25.92
N VAL B 28 -25.81 11.67 24.64
CA VAL B 28 -25.03 10.51 24.24
C VAL B 28 -23.72 11.04 23.65
N LEU B 29 -22.59 10.52 24.10
CA LEU B 29 -21.33 10.80 23.46
C LEU B 29 -20.95 9.64 22.59
N PRO B 30 -20.19 9.92 21.53
CA PRO B 30 -19.77 8.85 20.67
C PRO B 30 -19.18 7.66 21.39
N ASN B 31 -18.34 7.91 22.40
CA ASN B 31 -17.68 6.79 23.05
C ASN B 31 -18.61 6.04 24.01
N THR B 32 -19.80 6.58 24.29
CA THR B 32 -20.78 5.88 25.14
C THR B 32 -21.91 5.30 24.31
N ALA B 33 -21.96 5.56 23.01
CA ALA B 33 -22.97 4.88 22.18
C ALA B 33 -22.87 3.36 22.29
N ASP B 34 -24.01 2.70 22.37
CA ASP B 34 -24.06 1.23 22.49
C ASP B 34 -24.47 0.67 21.13
N LEU B 35 -23.53 -0.02 20.50
CA LEU B 35 -23.67 -0.50 19.14
C LEU B 35 -24.25 -1.90 19.04
N ARG B 36 -24.49 -2.52 20.18
CA ARG B 36 -24.97 -3.87 20.15
C ARG B 36 -26.30 -3.93 19.41
N THR B 37 -26.55 -5.05 18.70
CA THR B 37 -27.79 -5.24 17.95
C THR B 37 -28.12 -6.72 17.79
N ARG B 38 -29.13 -7.05 16.96
CA ARG B 38 -29.50 -8.44 16.66
C ARG B 38 -29.25 -8.76 15.20
N LEU B 39 -28.61 -9.89 14.91
CA LEU B 39 -28.63 -10.43 13.56
C LEU B 39 -29.95 -11.14 13.29
N THR B 40 -30.36 -11.95 14.25
CA THR B 40 -31.60 -12.68 14.21
C THR B 40 -32.15 -12.57 15.59
N LYS B 41 -33.33 -13.12 15.80
CA LYS B 41 -33.93 -13.05 17.14
C LYS B 41 -33.11 -13.74 18.21
N ASN B 42 -32.31 -14.75 17.86
CA ASN B 42 -31.47 -15.42 18.85
C ASN B 42 -29.97 -15.18 18.75
N ILE B 43 -29.52 -14.37 17.80
CA ILE B 43 -28.08 -14.14 17.63
C ILE B 43 -27.85 -12.65 17.77
N ALA B 44 -27.14 -12.27 18.83
CA ALA B 44 -26.79 -10.89 19.10
C ALA B 44 -25.51 -10.60 18.36
N LEU B 45 -25.26 -9.32 18.08
CA LEU B 45 -23.98 -8.86 17.51
C LEU B 45 -23.54 -7.71 18.36
N ASN B 46 -22.25 -7.56 18.53
CA ASN B 46 -21.72 -6.35 19.20
C ASN B 46 -21.57 -5.11 18.30
N ILE B 47 -21.50 -5.34 16.99
CA ILE B 47 -21.57 -4.26 16.01
C ILE B 47 -22.53 -4.68 14.90
N PRO B 48 -23.15 -3.70 14.25
CA PRO B 48 -24.22 -4.04 13.31
C PRO B 48 -23.69 -4.23 11.88
N MET B 49 -22.69 -5.10 11.73
CA MET B 49 -22.09 -5.37 10.41
C MET B 49 -21.97 -6.87 10.22
N VAL B 50 -22.49 -7.33 9.09
CA VAL B 50 -22.11 -8.66 8.56
C VAL B 50 -21.52 -8.57 7.16
N SER B 51 -20.68 -9.55 6.81
CA SER B 51 -20.04 -9.52 5.50
C SER B 51 -20.83 -10.33 4.50
N ALA B 52 -20.77 -9.88 3.25
CA ALA B 52 -21.42 -10.55 2.12
C ALA B 52 -20.84 -11.97 1.83
N SER B 53 -21.72 -12.88 1.41
CA SER B 53 -21.31 -14.23 1.15
C SER B 53 -20.82 -14.34 -0.25
N MET B 54 -19.66 -13.76 -0.51
CA MET B 54 -19.19 -13.59 -1.87
C MET B 54 -17.79 -14.10 -1.89
N ASP B 55 -17.40 -14.73 -3.01
CA ASP B 55 -16.08 -15.31 -3.15
C ASP B 55 -14.92 -14.33 -3.32
N THR B 56 -15.22 -13.05 -3.28
CA THR B 56 -14.13 -12.05 -3.21
C THR B 56 -14.20 -11.29 -1.89
N VAL B 57 -15.03 -11.78 -0.97
CA VAL B 57 -15.24 -11.10 0.32
C VAL B 57 -15.07 -12.00 1.54
N THR B 58 -15.79 -13.11 1.61
CA THR B 58 -15.80 -13.84 2.84
C THR B 58 -15.37 -15.27 2.76
N GLU B 59 -14.16 -15.50 3.23
CA GLU B 59 -13.74 -16.87 3.65
C GLU B 59 -13.35 -16.85 5.13
N ALA B 60 -12.68 -17.90 5.63
CA ALA B 60 -12.47 -18.07 7.07
C ALA B 60 -11.72 -16.90 7.71
N ARG B 61 -10.71 -16.42 7.02
CA ARG B 61 -9.83 -15.42 7.59
C ARG B 61 -10.59 -14.13 7.88
N LEU B 62 -11.41 -13.69 6.92
CA LEU B 62 -12.18 -12.46 7.12
C LEU B 62 -13.33 -12.71 8.11
N ALA B 63 -13.89 -13.94 8.12
CA ALA B 63 -14.97 -14.26 9.05
C ALA B 63 -14.44 -14.17 10.50
N ILE B 64 -13.20 -14.64 10.71
CA ILE B 64 -12.55 -14.57 12.01
C ILE B 64 -12.30 -13.09 12.39
N ALA B 65 -11.69 -12.29 11.51
CA ALA B 65 -11.37 -10.91 11.91
C ALA B 65 -12.66 -10.15 12.24
N LEU B 66 -13.69 -10.41 11.44
CA LEU B 66 -14.96 -9.70 11.61
C LEU B 66 -15.65 -10.09 12.92
N ALA B 67 -15.69 -11.39 13.19
CA ALA B 67 -16.32 -11.91 14.43
C ALA B 67 -15.53 -11.36 15.63
N GLN B 68 -14.20 -11.28 15.53
CA GLN B 68 -13.43 -10.66 16.63
C GLN B 68 -13.85 -9.20 16.90
N GLU B 69 -14.28 -8.49 15.88
CA GLU B 69 -14.69 -7.10 16.06
C GLU B 69 -16.17 -6.97 16.38
N GLY B 70 -16.87 -8.08 16.50
CA GLY B 70 -18.31 -8.04 16.94
C GLY B 70 -19.38 -8.36 15.88
N GLY B 71 -18.93 -8.64 14.67
CA GLY B 71 -19.82 -8.91 13.53
C GLY B 71 -19.85 -10.39 13.21
N ILE B 72 -20.39 -10.78 12.06
CA ILE B 72 -20.32 -12.19 11.65
C ILE B 72 -20.14 -12.30 10.12
N GLY B 73 -19.30 -13.23 9.68
CA GLY B 73 -19.02 -13.47 8.29
C GLY B 73 -19.89 -14.56 7.75
N PHE B 74 -20.40 -14.42 6.53
CA PHE B 74 -21.06 -15.54 5.85
C PHE B 74 -20.14 -16.19 4.84
N ILE B 75 -19.69 -17.39 5.14
CA ILE B 75 -18.78 -18.09 4.25
C ILE B 75 -19.57 -18.38 2.97
N HIS B 76 -18.95 -18.11 1.81
CA HIS B 76 -19.60 -18.31 0.49
C HIS B 76 -19.64 -19.73 0.05
N LYS B 77 -20.53 -20.02 -0.89
CA LYS B 77 -20.80 -21.38 -1.35
C LYS B 77 -20.06 -21.79 -2.62
N ASN B 78 -19.18 -20.94 -3.15
CA ASN B 78 -18.43 -21.29 -4.36
C ASN B 78 -17.18 -22.10 -4.02
N MET B 79 -17.40 -23.27 -3.43
CA MET B 79 -16.33 -24.19 -3.05
C MET B 79 -17.01 -25.49 -2.70
N SER B 80 -16.26 -26.60 -2.54
CA SER B 80 -16.92 -27.90 -2.33
C SER B 80 -17.64 -27.87 -1.00
N ILE B 81 -18.53 -28.85 -0.77
CA ILE B 81 -19.24 -28.96 0.51
C ILE B 81 -18.22 -29.14 1.63
N GLU B 82 -17.26 -30.05 1.43
CA GLU B 82 -16.22 -30.32 2.44
CA GLU B 82 -16.30 -30.30 2.48
C GLU B 82 -15.43 -29.07 2.77
N GLN B 83 -15.01 -28.34 1.76
CA GLN B 83 -14.23 -27.11 1.96
CA GLN B 83 -14.19 -27.17 2.08
C GLN B 83 -15.07 -26.09 2.77
N GLN B 84 -16.33 -25.94 2.41
CA GLN B 84 -17.20 -24.96 3.11
C GLN B 84 -17.36 -25.29 4.59
N ALA B 85 -17.53 -26.59 4.88
CA ALA B 85 -17.65 -27.09 6.23
C ALA B 85 -16.36 -26.87 7.02
N ALA B 86 -15.22 -27.21 6.42
CA ALA B 86 -13.91 -26.99 7.08
C ALA B 86 -13.77 -25.52 7.46
N GLN B 87 -14.21 -24.62 6.61
CA GLN B 87 -14.10 -23.16 6.92
C GLN B 87 -14.97 -22.72 8.08
N VAL B 88 -16.20 -23.23 8.09
CA VAL B 88 -17.10 -23.01 9.24
C VAL B 88 -16.43 -23.55 10.51
N HIS B 89 -15.93 -24.78 10.44
CA HIS B 89 -15.34 -25.39 11.61
C HIS B 89 -14.19 -24.54 12.08
N GLN B 90 -13.37 -24.09 11.13
CA GLN B 90 -12.20 -23.28 11.42
C GLN B 90 -12.51 -21.97 12.20
N VAL B 91 -13.52 -21.25 11.78
CA VAL B 91 -13.97 -20.08 12.50
C VAL B 91 -14.47 -20.47 13.89
N LYS B 92 -15.31 -21.50 13.97
CA LYS B 92 -15.88 -21.91 15.27
C LYS B 92 -14.81 -22.22 16.34
N ILE B 93 -13.76 -22.91 15.93
CA ILE B 93 -12.74 -23.28 16.90
C ILE B 93 -11.64 -22.20 17.05
N SER B 94 -11.85 -20.99 16.54
CA SER B 94 -10.84 -19.94 16.67
C SER B 94 -11.26 -18.84 17.62
N GLY B 95 -11.27 -19.16 18.91
CA GLY B 95 -11.52 -18.17 19.93
C GLY B 95 -12.98 -18.01 20.29
N GLY B 96 -13.76 -19.08 20.07
CA GLY B 96 -15.18 -19.06 20.42
C GLY B 96 -16.03 -18.15 19.55
N LEU B 97 -15.71 -18.05 18.27
CA LEU B 97 -16.37 -17.09 17.37
C LEU B 97 -17.61 -17.69 16.75
N ARG B 98 -18.55 -16.84 16.30
CA ARG B 98 -19.74 -17.27 15.59
C ARG B 98 -19.50 -17.15 14.08
N VAL B 99 -20.27 -17.86 13.28
CA VAL B 99 -20.07 -17.81 11.86
C VAL B 99 -21.31 -18.23 11.08
N GLY B 100 -21.46 -17.66 9.89
CA GLY B 100 -22.53 -18.01 8.96
C GLY B 100 -22.01 -18.68 7.71
N ALA B 101 -22.94 -19.26 6.95
CA ALA B 101 -22.59 -19.87 5.68
C ALA B 101 -23.80 -19.76 4.73
N ALA B 102 -23.51 -19.48 3.45
CA ALA B 102 -24.56 -19.36 2.44
C ALA B 102 -24.68 -20.64 1.65
N VAL B 103 -25.92 -20.98 1.29
CA VAL B 103 -26.22 -22.12 0.42
C VAL B 103 -27.13 -21.78 -0.76
N GLY B 104 -27.61 -20.56 -0.90
CA GLY B 104 -28.50 -20.32 -2.05
C GLY B 104 -29.66 -21.31 -2.14
N ALA B 105 -30.66 -20.96 -2.94
CA ALA B 105 -31.99 -21.50 -2.78
C ALA B 105 -32.32 -22.60 -3.73
N ALA B 106 -31.34 -23.07 -4.51
CA ALA B 106 -31.62 -24.08 -5.52
C ALA B 106 -31.91 -25.41 -4.82
N PRO B 107 -32.75 -26.28 -5.44
CA PRO B 107 -32.90 -27.64 -4.89
C PRO B 107 -31.60 -28.42 -4.98
N GLY B 108 -31.50 -29.50 -4.21
CA GLY B 108 -30.27 -30.28 -4.17
C GLY B 108 -29.23 -29.74 -3.20
N ASN B 109 -29.64 -28.82 -2.33
CA ASN B 109 -28.69 -28.24 -1.39
C ASN B 109 -28.69 -28.88 -0.02
N GLU B 110 -29.39 -30.01 0.11
CA GLU B 110 -29.55 -30.70 1.41
C GLU B 110 -28.24 -31.30 1.93
N GLU B 111 -27.43 -31.89 1.05
CA GLU B 111 -26.15 -32.45 1.48
C GLU B 111 -25.30 -31.31 2.07
N ARG B 112 -25.28 -30.17 1.39
CA ARG B 112 -24.48 -29.03 1.78
C ARG B 112 -24.94 -28.50 3.14
N VAL B 113 -26.25 -28.35 3.27
CA VAL B 113 -26.84 -27.82 4.48
C VAL B 113 -26.48 -28.70 5.65
N LYS B 114 -26.67 -30.01 5.48
CA LYS B 114 -26.40 -30.99 6.53
C LYS B 114 -24.94 -30.88 6.97
N ALA B 115 -24.03 -30.79 6.01
CA ALA B 115 -22.59 -30.75 6.35
C ALA B 115 -22.22 -29.41 7.07
N LEU B 116 -22.96 -28.33 6.79
CA LEU B 116 -22.73 -27.05 7.45
C LEU B 116 -23.25 -27.09 8.88
N VAL B 117 -24.45 -27.63 9.04
CA VAL B 117 -24.99 -27.81 10.39
C VAL B 117 -24.10 -28.72 11.30
N GLU B 118 -23.61 -29.83 10.73
CA GLU B 118 -22.69 -30.73 11.43
C GLU B 118 -21.38 -29.99 11.73
N ALA B 119 -21.01 -29.02 10.89
CA ALA B 119 -19.85 -28.21 11.21
C ALA B 119 -20.08 -27.16 12.32
N GLY B 120 -21.31 -27.00 12.81
CA GLY B 120 -21.60 -26.03 13.88
C GLY B 120 -21.87 -24.59 13.38
N VAL B 121 -22.38 -24.45 12.17
CA VAL B 121 -22.66 -23.12 11.63
C VAL B 121 -23.73 -22.54 12.51
N ASP B 122 -23.58 -21.26 12.91
CA ASP B 122 -24.57 -20.63 13.81
C ASP B 122 -25.80 -20.17 13.05
N VAL B 123 -25.62 -19.79 11.78
CA VAL B 123 -26.72 -19.23 10.95
C VAL B 123 -26.58 -19.57 9.47
N LEU B 124 -27.67 -20.01 8.92
CA LEU B 124 -27.73 -20.45 7.56
C LEU B 124 -28.34 -19.35 6.71
N LEU B 125 -27.64 -18.97 5.64
CA LEU B 125 -28.19 -18.01 4.72
C LEU B 125 -28.69 -18.73 3.46
N ILE B 126 -30.00 -18.73 3.26
CA ILE B 126 -30.63 -19.11 2.01
C ILE B 126 -30.89 -17.80 1.23
N ASP B 127 -30.02 -17.52 0.27
CA ASP B 127 -30.02 -16.23 -0.40
C ASP B 127 -30.25 -16.44 -1.87
N SER B 128 -31.00 -15.51 -2.42
CA SER B 128 -31.47 -15.61 -3.78
C SER B 128 -31.62 -14.18 -4.20
N SER B 129 -31.50 -13.95 -5.49
CA SER B 129 -31.75 -12.63 -6.06
C SER B 129 -33.24 -12.37 -6.07
N HIS B 130 -34.07 -13.38 -5.76
CA HIS B 130 -35.48 -13.12 -5.64
C HIS B 130 -36.09 -13.94 -4.51
N GLY B 131 -35.99 -13.42 -3.31
CA GLY B 131 -36.55 -14.08 -2.13
C GLY B 131 -38.06 -14.26 -2.15
N HIS B 132 -38.77 -13.47 -2.94
CA HIS B 132 -40.25 -13.62 -3.07
C HIS B 132 -40.64 -14.68 -4.08
N SER B 133 -39.67 -15.40 -4.61
CA SER B 133 -39.93 -16.51 -5.51
C SER B 133 -40.53 -17.68 -4.77
N GLU B 134 -41.56 -18.32 -5.33
CA GLU B 134 -42.18 -19.48 -4.58
C GLU B 134 -41.15 -20.58 -4.26
N GLY B 135 -40.27 -20.89 -5.20
CA GLY B 135 -39.21 -21.89 -4.99
C GLY B 135 -38.35 -21.56 -3.79
N VAL B 136 -38.07 -20.27 -3.61
CA VAL B 136 -37.29 -19.86 -2.46
C VAL B 136 -38.06 -20.02 -1.15
N LEU B 137 -39.33 -19.60 -1.10
CA LEU B 137 -40.15 -19.76 0.12
C LEU B 137 -40.27 -21.28 0.50
N GLN B 138 -40.50 -22.11 -0.51
CA GLN B 138 -40.51 -23.57 -0.34
C GLN B 138 -39.24 -24.09 0.29
N ARG B 139 -38.09 -23.71 -0.27
CA ARG B 139 -36.79 -24.14 0.25
C ARG B 139 -36.68 -23.74 1.72
N ILE B 140 -37.11 -22.52 2.05
CA ILE B 140 -37.00 -22.03 3.43
C ILE B 140 -37.92 -22.93 4.32
N ARG B 141 -39.13 -23.19 3.85
CA ARG B 141 -40.06 -24.03 4.60
C ARG B 141 -39.45 -25.40 4.88
N GLU B 142 -38.85 -25.95 3.84
CA GLU B 142 -38.32 -27.30 3.93
C GLU B 142 -37.14 -27.34 4.85
N THR B 143 -36.33 -26.29 4.80
CA THR B 143 -35.15 -26.22 5.64
C THR B 143 -35.56 -25.98 7.09
N ARG B 144 -36.54 -25.11 7.31
CA ARG B 144 -37.11 -24.92 8.63
C ARG B 144 -37.70 -26.23 9.25
N ALA B 145 -38.46 -26.99 8.47
CA ALA B 145 -38.97 -28.34 8.89
C ALA B 145 -37.84 -29.30 9.23
N ALA B 146 -36.82 -29.38 8.37
CA ALA B 146 -35.72 -30.29 8.62
C ALA B 146 -34.81 -29.85 9.81
N TYR B 147 -34.64 -28.56 10.04
CA TYR B 147 -33.77 -28.06 11.15
C TYR B 147 -34.50 -27.02 11.96
N PRO B 148 -35.37 -27.46 12.86
CA PRO B 148 -36.25 -26.49 13.45
C PRO B 148 -35.53 -25.44 14.29
N HIS B 149 -34.33 -25.74 14.78
CA HIS B 149 -33.64 -24.87 15.71
C HIS B 149 -32.54 -24.07 15.04
N LEU B 150 -32.46 -24.13 13.71
CA LEU B 150 -31.38 -23.48 12.99
C LEU B 150 -31.81 -22.07 12.64
N GLU B 151 -30.94 -21.09 12.94
CA GLU B 151 -31.19 -19.72 12.54
C GLU B 151 -31.02 -19.61 11.02
N ILE B 152 -32.08 -19.12 10.36
CA ILE B 152 -32.14 -19.07 8.92
C ILE B 152 -32.37 -17.62 8.48
N ILE B 153 -31.47 -17.11 7.67
CA ILE B 153 -31.74 -15.81 7.08
C ILE B 153 -32.22 -16.11 5.68
N GLY B 154 -33.38 -15.53 5.34
CA GLY B 154 -33.91 -15.56 4.01
C GLY B 154 -33.87 -14.19 3.32
N GLY B 155 -33.74 -14.22 2.01
CA GLY B 155 -33.71 -12.98 1.23
C GLY B 155 -33.40 -13.31 -0.20
N ASN B 156 -33.32 -12.29 -1.07
CA ASN B 156 -33.52 -10.89 -0.71
C ASN B 156 -34.84 -10.39 -1.17
N VAL B 157 -35.42 -9.52 -0.38
CA VAL B 157 -36.68 -8.89 -0.80
C VAL B 157 -36.59 -7.36 -0.72
N ALA B 158 -37.57 -6.68 -1.29
CA ALA B 158 -37.54 -5.22 -1.30
C ALA B 158 -38.91 -4.59 -1.02
N THR B 159 -39.85 -5.37 -0.47
CA THR B 159 -41.23 -4.93 -0.24
C THR B 159 -41.77 -5.50 1.09
N ALA B 160 -42.80 -4.85 1.62
CA ALA B 160 -43.58 -5.33 2.78
C ALA B 160 -44.04 -6.78 2.54
N GLU B 161 -44.72 -7.04 1.41
CA GLU B 161 -45.27 -8.33 1.00
CA GLU B 161 -45.28 -8.35 1.18
C GLU B 161 -44.16 -9.40 0.99
N GLY B 162 -43.04 -9.05 0.39
CA GLY B 162 -41.91 -9.99 0.40
C GLY B 162 -41.39 -10.33 1.80
N ALA B 163 -41.27 -9.31 2.66
CA ALA B 163 -40.91 -9.52 4.06
C ALA B 163 -41.89 -10.49 4.74
N ARG B 164 -43.19 -10.26 4.49
CA ARG B 164 -44.22 -11.03 5.14
C ARG B 164 -44.08 -12.49 4.74
N ALA B 165 -43.96 -12.72 3.44
CA ALA B 165 -43.84 -14.10 2.91
C ALA B 165 -42.63 -14.83 3.55
N LEU B 166 -41.51 -14.12 3.74
CA LEU B 166 -40.32 -14.79 4.26
C LEU B 166 -40.57 -15.13 5.72
N ILE B 167 -41.22 -14.20 6.44
CA ILE B 167 -41.46 -14.45 7.89
C ILE B 167 -42.42 -15.63 8.07
N GLU B 168 -43.47 -15.64 7.27
CA GLU B 168 -44.40 -16.76 7.34
CA GLU B 168 -44.43 -16.74 7.26
C GLU B 168 -43.80 -18.08 6.80
N ALA B 169 -42.72 -18.02 6.00
CA ALA B 169 -42.00 -19.28 5.59
C ALA B 169 -41.10 -19.82 6.71
N GLY B 170 -40.78 -18.99 7.69
CA GLY B 170 -40.04 -19.37 8.90
C GLY B 170 -38.64 -18.83 9.07
N VAL B 171 -38.33 -17.70 8.42
CA VAL B 171 -36.97 -17.12 8.53
C VAL B 171 -36.77 -16.54 9.93
N SER B 172 -35.52 -16.46 10.37
CA SER B 172 -35.18 -15.83 11.64
C SER B 172 -34.75 -14.34 11.42
N ALA B 173 -34.52 -14.00 10.15
CA ALA B 173 -34.22 -12.63 9.74
C ALA B 173 -34.56 -12.47 8.26
N VAL B 174 -34.89 -11.24 7.86
CA VAL B 174 -35.22 -10.85 6.48
C VAL B 174 -34.08 -10.00 5.95
N LYS B 175 -33.48 -10.39 4.82
CA LYS B 175 -32.42 -9.63 4.20
C LYS B 175 -33.00 -8.81 3.06
N VAL B 176 -32.69 -7.52 3.04
CA VAL B 176 -33.36 -6.55 2.13
C VAL B 176 -32.38 -5.95 1.13
N GLY B 177 -32.74 -5.97 -0.14
CA GLY B 177 -31.87 -5.44 -1.16
C GLY B 177 -32.07 -6.11 -2.50
N ILE B 178 -32.72 -5.43 -3.45
CA ILE B 178 -32.83 -5.94 -4.82
C ILE B 178 -32.19 -4.91 -5.75
N GLY B 179 -30.93 -5.19 -6.08
CA GLY B 179 -30.13 -4.40 -6.99
C GLY B 179 -29.38 -3.14 -6.53
N PRO B 180 -29.24 -2.90 -5.21
CA PRO B 180 -28.44 -1.72 -4.85
C PRO B 180 -26.90 -1.95 -4.85
N GLY B 181 -26.46 -3.17 -5.08
CA GLY B 181 -25.07 -3.55 -4.93
C GLY B 181 -24.12 -2.83 -5.82
N SER B 182 -22.95 -2.46 -5.30
CA SER B 182 -21.90 -1.83 -6.11
C SER B 182 -21.69 -2.57 -7.43
N ILE B 183 -21.60 -3.91 -7.37
CA ILE B 183 -21.22 -4.70 -8.53
C ILE B 183 -22.40 -5.26 -9.35
N CYS B 184 -23.59 -4.78 -9.04
CA CYS B 184 -24.82 -5.34 -9.56
C CYS B 184 -25.39 -4.58 -10.75
N THR B 185 -25.84 -5.33 -11.74
CA THR B 185 -26.49 -4.76 -12.94
C THR B 185 -27.94 -5.21 -13.05
N THR B 186 -28.46 -5.95 -12.07
CA THR B 186 -29.89 -6.39 -12.09
C THR B 186 -30.88 -5.35 -12.53
N ARG B 187 -30.79 -4.17 -11.92
CA ARG B 187 -31.78 -3.13 -12.18
C ARG B 187 -31.69 -2.66 -13.60
N ILE B 188 -30.50 -2.67 -14.16
CA ILE B 188 -30.26 -2.17 -15.50
C ILE B 188 -30.68 -3.26 -16.52
N VAL B 189 -30.36 -4.50 -16.22
CA VAL B 189 -30.59 -5.56 -17.23
C VAL B 189 -32.02 -6.12 -17.12
N THR B 190 -32.64 -6.02 -15.94
CA THR B 190 -34.06 -6.46 -15.78
C THR B 190 -35.06 -5.34 -15.75
N GLY B 191 -34.64 -4.18 -15.25
CA GLY B 191 -35.57 -3.07 -15.03
C GLY B 191 -36.22 -3.14 -13.66
N VAL B 192 -35.85 -4.12 -12.82
CA VAL B 192 -36.53 -4.36 -11.53
C VAL B 192 -35.69 -3.96 -10.35
N GLY B 193 -36.30 -3.32 -9.34
CA GLY B 193 -35.59 -2.91 -8.09
C GLY B 193 -36.33 -1.83 -7.31
N VAL B 194 -35.92 -1.61 -6.07
CA VAL B 194 -36.49 -0.60 -5.26
C VAL B 194 -35.35 0.08 -4.56
N PRO B 195 -35.26 1.41 -4.69
CA PRO B 195 -34.24 2.18 -4.01
C PRO B 195 -34.20 1.81 -2.54
N GLN B 196 -33.01 1.73 -2.03
CA GLN B 196 -32.78 0.90 -0.84
C GLN B 196 -33.35 1.42 0.50
N ILE B 197 -33.45 2.74 0.66
CA ILE B 197 -34.01 3.29 1.92
C ILE B 197 -35.51 2.95 2.03
N THR B 198 -36.25 3.15 0.94
CA THR B 198 -37.70 2.75 0.93
C THR B 198 -37.86 1.21 1.10
N ALA B 199 -36.98 0.45 0.48
CA ALA B 199 -36.99 -1.00 0.65
C ALA B 199 -36.89 -1.42 2.12
N ILE B 200 -35.89 -0.90 2.83
CA ILE B 200 -35.62 -1.25 4.24
C ILE B 200 -36.87 -0.89 5.02
N ALA B 201 -37.37 0.31 4.78
CA ALA B 201 -38.46 0.82 5.61
C ALA B 201 -39.72 -0.04 5.37
N ASP B 202 -39.96 -0.42 4.12
CA ASP B 202 -41.16 -1.18 3.79
C ASP B 202 -41.07 -2.53 4.44
N ALA B 203 -39.90 -3.17 4.35
CA ALA B 203 -39.69 -4.46 4.98
C ALA B 203 -39.82 -4.39 6.51
N ALA B 204 -39.25 -3.34 7.12
CA ALA B 204 -39.20 -3.20 8.59
C ALA B 204 -40.59 -2.94 9.13
N GLY B 205 -41.45 -2.30 8.35
CA GLY B 205 -42.85 -2.10 8.78
C GLY B 205 -43.54 -3.42 9.05
N VAL B 206 -43.21 -4.46 8.30
CA VAL B 206 -43.83 -5.74 8.59
C VAL B 206 -43.00 -6.45 9.67
N ALA B 207 -41.69 -6.50 9.47
CA ALA B 207 -40.82 -7.28 10.31
C ALA B 207 -40.88 -6.88 11.77
N ASN B 208 -40.96 -5.57 12.02
CA ASN B 208 -41.14 -5.07 13.37
C ASN B 208 -42.33 -5.73 14.09
N GLU B 209 -43.39 -6.03 13.35
CA GLU B 209 -44.57 -6.58 14.02
C GLU B 209 -44.29 -7.97 14.57
N TYR B 210 -43.34 -8.70 13.99
CA TYR B 210 -42.98 -10.00 14.50
C TYR B 210 -41.71 -9.97 15.36
N GLY B 211 -41.09 -8.81 15.56
CA GLY B 211 -39.78 -8.76 16.22
C GLY B 211 -38.67 -9.49 15.45
N ILE B 212 -38.86 -9.60 14.13
CA ILE B 212 -37.88 -10.19 13.24
C ILE B 212 -36.93 -9.09 12.70
N PRO B 213 -35.62 -9.28 12.88
CA PRO B 213 -34.67 -8.29 12.38
C PRO B 213 -34.60 -8.21 10.84
N VAL B 214 -34.32 -6.99 10.36
CA VAL B 214 -34.07 -6.71 8.94
C VAL B 214 -32.59 -6.38 8.77
N ILE B 215 -31.99 -7.04 7.79
CA ILE B 215 -30.59 -6.87 7.41
C ILE B 215 -30.59 -6.05 6.11
N ALA B 216 -29.96 -4.88 6.13
CA ALA B 216 -29.83 -4.02 4.95
C ALA B 216 -28.61 -4.41 4.10
N ASP B 217 -28.89 -4.97 2.95
CA ASP B 217 -27.83 -5.58 2.11
C ASP B 217 -27.62 -4.86 0.79
N GLY B 218 -26.46 -4.23 0.65
CA GLY B 218 -26.05 -3.56 -0.55
C GLY B 218 -26.21 -2.05 -0.63
N GLY B 219 -25.33 -1.43 -1.37
CA GLY B 219 -25.40 -0.01 -1.59
C GLY B 219 -24.71 0.86 -0.57
N ILE B 220 -24.11 0.26 0.46
CA ILE B 220 -23.49 1.00 1.54
C ILE B 220 -22.10 1.35 1.06
N ARG B 221 -21.78 2.64 1.00
CA ARG B 221 -20.50 3.11 0.44
C ARG B 221 -19.73 3.85 1.48
N PHE B 222 -20.42 4.62 2.32
CA PHE B 222 -19.79 5.44 3.35
C PHE B 222 -20.42 5.09 4.67
N SER B 223 -19.79 5.45 5.79
CA SER B 223 -20.33 5.07 7.09
C SER B 223 -21.68 5.70 7.40
N GLY B 224 -21.91 6.92 6.88
CA GLY B 224 -23.24 7.58 6.97
C GLY B 224 -24.40 6.78 6.36
N ASP B 225 -24.07 5.95 5.35
CA ASP B 225 -25.04 5.02 4.81
C ASP B 225 -25.44 3.94 5.82
N ILE B 226 -24.52 3.56 6.70
CA ILE B 226 -24.89 2.55 7.68
C ILE B 226 -25.88 3.20 8.66
N SER B 227 -25.55 4.42 9.10
CA SER B 227 -26.49 5.15 9.96
C SER B 227 -27.89 5.28 9.37
N LYS B 228 -27.94 5.66 8.09
CA LYS B 228 -29.21 5.82 7.40
C LYS B 228 -29.99 4.50 7.25
N ALA B 229 -29.28 3.44 6.91
CA ALA B 229 -29.88 2.08 6.81
C ALA B 229 -30.54 1.63 8.13
N ILE B 230 -29.90 1.96 9.25
CA ILE B 230 -30.45 1.60 10.54
C ILE B 230 -31.69 2.47 10.84
N ALA B 231 -31.62 3.79 10.65
CA ALA B 231 -32.75 4.66 10.97
C ALA B 231 -33.93 4.32 10.11
N ALA B 232 -33.65 3.80 8.89
CA ALA B 232 -34.66 3.30 7.93
C ALA B 232 -35.40 2.09 8.49
N GLY B 233 -34.80 1.38 9.44
CA GLY B 233 -35.45 0.22 10.07
C GLY B 233 -34.60 -1.04 10.21
N ALA B 234 -33.37 -1.03 9.68
CA ALA B 234 -32.51 -2.19 9.72
C ALA B 234 -31.85 -2.35 11.08
N SER B 235 -31.70 -3.60 11.50
CA SER B 235 -31.03 -3.94 12.70
C SER B 235 -29.53 -4.05 12.43
N CYS B 236 -29.14 -4.44 11.21
CA CYS B 236 -27.75 -4.42 10.82
C CYS B 236 -27.61 -4.41 9.33
N VAL B 237 -26.37 -4.23 8.87
CA VAL B 237 -26.11 -4.08 7.47
C VAL B 237 -25.18 -5.17 7.01
N MET B 238 -25.35 -5.54 5.74
CA MET B 238 -24.42 -6.43 5.04
C MET B 238 -23.66 -5.69 3.95
N VAL B 239 -22.34 -5.88 3.92
CA VAL B 239 -21.50 -5.17 3.00
C VAL B 239 -20.60 -6.10 2.25
N GLY B 240 -20.37 -5.79 0.97
CA GLY B 240 -19.36 -6.44 0.18
C GLY B 240 -18.26 -5.48 -0.12
N SER B 241 -18.53 -4.46 -0.93
CA SER B 241 -17.44 -3.58 -1.35
C SER B 241 -16.69 -2.92 -0.20
N MET B 242 -17.38 -2.59 0.89
CA MET B 242 -16.71 -1.93 2.02
C MET B 242 -15.63 -2.86 2.62
N PHE B 243 -15.80 -4.19 2.52
CA PHE B 243 -14.81 -5.15 3.08
C PHE B 243 -13.86 -5.78 2.04
N ALA B 244 -14.30 -5.78 0.79
CA ALA B 244 -13.53 -6.22 -0.32
C ALA B 244 -12.30 -5.36 -0.33
N GLY B 245 -11.20 -5.93 -0.73
CA GLY B 245 -9.94 -5.14 -0.75
C GLY B 245 -9.20 -5.09 0.56
N THR B 246 -9.79 -5.59 1.65
CA THR B 246 -9.01 -5.72 2.88
C THR B 246 -8.01 -6.88 2.78
N GLU B 247 -6.98 -6.81 3.61
CA GLU B 247 -5.97 -7.85 3.66
C GLU B 247 -6.61 -9.22 3.91
N GLU B 248 -7.69 -9.24 4.71
CA GLU B 248 -8.27 -10.48 5.14
C GLU B 248 -9.20 -11.10 4.12
N ALA B 249 -9.71 -10.28 3.18
CA ALA B 249 -10.53 -10.77 2.10
C ALA B 249 -9.69 -11.71 1.20
N PRO B 250 -10.32 -12.69 0.57
CA PRO B 250 -9.60 -13.56 -0.35
C PRO B 250 -9.01 -12.79 -1.49
N GLY B 251 -7.99 -13.38 -2.08
CA GLY B 251 -7.32 -12.87 -3.24
C GLY B 251 -6.03 -12.18 -2.84
N GLU B 252 -5.10 -12.15 -3.76
CA GLU B 252 -3.86 -11.45 -3.56
C GLU B 252 -4.01 -10.01 -4.01
N VAL B 253 -3.13 -9.17 -3.50
CA VAL B 253 -3.05 -7.81 -3.92
C VAL B 253 -2.48 -7.72 -5.36
N ILE B 254 -3.09 -6.85 -6.14
CA ILE B 254 -2.76 -6.61 -7.53
C ILE B 254 -2.33 -5.15 -7.58
N LEU B 255 -1.16 -4.88 -8.15
CA LEU B 255 -0.70 -3.53 -8.40
C LEU B 255 -0.94 -3.21 -9.85
N TYR B 256 -1.42 -2.01 -10.12
CA TYR B 256 -1.80 -1.68 -11.46
C TYR B 256 -1.75 -0.20 -11.51
N GLN B 257 -0.85 0.28 -12.35
CA GLN B 257 -0.61 1.70 -12.55
C GLN B 257 -0.43 2.48 -11.25
N GLY B 258 0.37 1.92 -10.34
CA GLY B 258 0.73 2.61 -9.11
C GLY B 258 -0.25 2.41 -7.99
N ARG B 259 -1.40 1.75 -8.26
CA ARG B 259 -2.41 1.56 -7.21
C ARG B 259 -2.48 0.09 -6.84
N SER B 260 -2.87 -0.19 -5.60
CA SER B 260 -3.00 -1.53 -5.13
C SER B 260 -4.48 -1.89 -5.09
N TYR B 261 -4.82 -3.09 -5.53
CA TYR B 261 -6.23 -3.51 -5.66
C TYR B 261 -6.36 -4.95 -5.19
N LYS B 262 -7.61 -5.37 -4.95
CA LYS B 262 -7.95 -6.80 -5.00
C LYS B 262 -9.15 -6.95 -5.92
N ALA B 263 -9.33 -8.16 -6.45
CA ALA B 263 -10.54 -8.51 -7.25
C ALA B 263 -11.78 -8.42 -6.40
N TYR B 264 -12.86 -7.94 -7.02
CA TYR B 264 -14.18 -7.91 -6.38
C TYR B 264 -15.19 -8.10 -7.51
N ARG B 265 -16.00 -9.13 -7.40
CA ARG B 265 -16.97 -9.43 -8.45
C ARG B 265 -18.32 -9.84 -7.89
N GLY B 266 -19.39 -9.54 -8.61
CA GLY B 266 -20.68 -10.02 -8.18
C GLY B 266 -20.74 -11.53 -8.30
N MET B 267 -21.56 -12.16 -7.46
CA MET B 267 -21.74 -13.60 -7.55
C MET B 267 -22.61 -13.99 -8.75
N GLY B 268 -23.27 -13.02 -9.38
CA GLY B 268 -23.97 -13.27 -10.63
C GLY B 268 -23.16 -12.86 -11.84
N SER B 269 -21.88 -12.56 -11.66
CA SER B 269 -20.98 -12.31 -12.80
C SER B 269 -20.58 -13.65 -13.47
N LEU B 270 -20.13 -13.56 -14.70
CA LEU B 270 -19.80 -14.73 -15.50
C LEU B 270 -18.72 -15.50 -14.81
N GLY B 271 -17.75 -14.77 -14.29
CA GLY B 271 -16.62 -15.38 -13.54
C GLY B 271 -17.02 -16.16 -12.30
N ALA B 272 -17.88 -15.57 -11.47
CA ALA B 272 -18.42 -16.26 -10.29
C ALA B 272 -19.35 -17.45 -10.59
N MET B 273 -20.14 -17.35 -11.65
CA MET B 273 -21.14 -18.40 -11.95
C MET B 273 -20.51 -19.64 -12.58
N SER B 274 -19.36 -19.49 -13.25
CA SER B 274 -18.63 -20.66 -13.72
C SER B 274 -17.91 -21.38 -12.57
N LYS B 275 -17.64 -20.67 -11.47
CA LYS B 275 -16.85 -21.22 -10.34
C LYS B 275 -17.69 -21.74 -9.15
N LEU B 291 -25.61 -18.00 -20.83
CA LEU B 291 -25.88 -17.40 -19.50
C LEU B 291 -26.04 -15.90 -19.56
N VAL B 292 -26.97 -15.36 -18.77
CA VAL B 292 -27.13 -13.88 -18.71
C VAL B 292 -26.79 -13.27 -17.33
N PRO B 293 -25.63 -12.59 -17.25
CA PRO B 293 -25.17 -12.17 -15.94
C PRO B 293 -25.93 -10.96 -15.41
N GLU B 294 -25.92 -10.83 -14.10
CA GLU B 294 -26.55 -9.74 -13.41
C GLU B 294 -25.58 -9.03 -12.45
N GLY B 295 -24.28 -9.24 -12.68
CA GLY B 295 -23.22 -8.56 -11.95
C GLY B 295 -21.97 -8.51 -12.82
N ILE B 296 -20.98 -7.71 -12.40
CA ILE B 296 -19.73 -7.52 -13.15
C ILE B 296 -18.57 -7.99 -12.29
N GLU B 297 -17.41 -8.08 -12.93
CA GLU B 297 -16.11 -8.41 -12.33
C GLU B 297 -15.25 -7.18 -12.34
N GLY B 298 -14.68 -6.88 -11.17
CA GLY B 298 -13.95 -5.66 -11.00
C GLY B 298 -12.76 -5.76 -10.05
N ARG B 299 -12.22 -4.59 -9.74
CA ARG B 299 -11.15 -4.47 -8.79
C ARG B 299 -11.54 -3.33 -7.85
N ILE B 300 -11.15 -3.48 -6.61
CA ILE B 300 -11.49 -2.51 -5.56
C ILE B 300 -10.13 -2.10 -4.92
N ALA B 301 -10.00 -0.85 -4.52
CA ALA B 301 -8.77 -0.39 -3.90
C ALA B 301 -8.41 -1.21 -2.67
N TYR B 302 -7.11 -1.53 -2.53
CA TYR B 302 -6.61 -2.18 -1.33
C TYR B 302 -6.83 -1.29 -0.11
N LYS B 303 -7.37 -1.86 0.96
CA LYS B 303 -7.83 -1.12 2.13
C LYS B 303 -7.02 -1.40 3.41
N GLY B 304 -6.02 -2.26 3.37
CA GLY B 304 -5.35 -2.69 4.62
C GLY B 304 -6.19 -3.61 5.50
N HIS B 305 -5.97 -3.54 6.80
CA HIS B 305 -6.56 -4.50 7.71
C HIS B 305 -7.95 -4.16 8.04
N LEU B 306 -8.75 -5.19 8.08
CA LEU B 306 -10.18 -5.04 8.30
C LEU B 306 -10.49 -4.27 9.60
N LYS B 307 -9.75 -4.62 10.64
CA LYS B 307 -9.86 -3.98 11.92
C LYS B 307 -9.96 -2.45 11.85
N GLU B 308 -9.02 -1.80 11.17
CA GLU B 308 -9.08 -0.34 11.13
CA GLU B 308 -9.02 -0.32 11.02
C GLU B 308 -10.25 0.16 10.23
N ILE B 309 -10.63 -0.60 9.20
CA ILE B 309 -11.80 -0.26 8.40
C ILE B 309 -13.03 -0.28 9.32
N ILE B 310 -13.20 -1.34 10.11
CA ILE B 310 -14.28 -1.42 11.03
C ILE B 310 -14.25 -0.27 12.05
N HIS B 311 -13.09 0.06 12.57
CA HIS B 311 -12.98 1.18 13.55
C HIS B 311 -13.50 2.49 12.96
N GLN B 312 -13.07 2.79 11.73
CA GLN B 312 -13.51 4.02 11.00
C GLN B 312 -15.04 4.07 10.75
N GLN B 313 -15.59 2.96 10.25
CA GLN B 313 -17.02 2.88 9.96
C GLN B 313 -17.87 3.02 11.24
N MET B 314 -17.44 2.31 12.28
CA MET B 314 -18.18 2.34 13.55
C MET B 314 -18.00 3.67 14.27
N GLY B 315 -16.84 4.32 14.12
CA GLY B 315 -16.68 5.73 14.55
C GLY B 315 -17.63 6.73 13.89
N GLY B 316 -17.95 6.55 12.60
CA GLY B 316 -19.04 7.29 11.97
C GLY B 316 -20.42 7.06 12.57
N LEU B 317 -20.78 5.80 12.73
CA LEU B 317 -22.04 5.50 13.36
C LEU B 317 -22.10 6.04 14.80
N ARG B 318 -21.07 5.82 15.58
CA ARG B 318 -21.01 6.38 16.94
C ARG B 318 -21.22 7.90 16.90
N SER B 319 -20.58 8.57 15.96
CA SER B 319 -20.74 10.02 15.91
C SER B 319 -22.17 10.41 15.56
N CYS B 320 -22.80 9.60 14.70
CA CYS B 320 -24.17 9.82 14.29
C CYS B 320 -25.09 9.65 15.48
N MET B 321 -24.77 8.65 16.30
CA MET B 321 -25.61 8.38 17.48
C MET B 321 -25.50 9.54 18.47
N GLY B 322 -24.30 10.09 18.60
CA GLY B 322 -24.02 11.34 19.36
C GLY B 322 -24.83 12.53 18.86
N LEU B 323 -24.80 12.73 17.54
CA LEU B 323 -25.58 13.80 16.88
C LEU B 323 -27.12 13.64 16.96
N THR B 324 -27.61 12.40 16.93
CA THR B 324 -29.06 12.13 16.96
C THR B 324 -29.61 11.82 18.33
N GLY B 325 -28.76 11.84 19.35
CA GLY B 325 -29.10 11.44 20.74
C GLY B 325 -29.70 10.03 20.89
N SER B 326 -29.11 9.11 20.14
CA SER B 326 -29.56 7.73 20.10
C SER B 326 -28.59 6.91 20.97
N ALA B 327 -29.06 6.39 22.10
CA ALA B 327 -28.17 5.70 23.05
C ALA B 327 -27.80 4.28 22.58
N THR B 328 -28.69 3.68 21.80
CA THR B 328 -28.63 2.27 21.41
C THR B 328 -29.01 2.24 19.93
N VAL B 329 -28.64 1.16 19.25
CA VAL B 329 -29.11 0.94 17.89
C VAL B 329 -30.66 0.99 17.75
N GLU B 330 -31.39 0.46 18.71
CA GLU B 330 -32.87 0.52 18.69
C GLU B 330 -33.38 1.93 18.67
N ASP B 331 -32.78 2.85 19.44
CA ASP B 331 -33.21 4.25 19.40
C ASP B 331 -33.00 4.83 18.02
N LEU B 332 -31.83 4.59 17.42
CA LEU B 332 -31.59 5.11 16.08
C LEU B 332 -32.58 4.51 15.05
N ARG B 333 -32.84 3.22 15.22
CA ARG B 333 -33.66 2.43 14.27
C ARG B 333 -35.14 2.81 14.36
N THR B 334 -35.61 3.22 15.53
CA THR B 334 -37.00 3.54 15.69
C THR B 334 -37.34 4.99 15.97
N LYS B 335 -36.38 5.84 16.30
CA LYS B 335 -36.76 7.22 16.67
C LYS B 335 -36.12 8.35 15.83
N ALA B 336 -34.97 8.13 15.23
CA ALA B 336 -34.30 9.20 14.48
C ALA B 336 -35.16 9.63 13.31
N GLN B 337 -35.07 10.91 12.94
CA GLN B 337 -35.83 11.47 11.82
C GLN B 337 -34.91 11.84 10.71
N PHE B 338 -35.47 11.84 9.50
CA PHE B 338 -34.83 12.22 8.28
C PHE B 338 -35.36 13.53 7.74
N VAL B 339 -34.56 14.17 6.90
CA VAL B 339 -35.08 15.20 5.99
C VAL B 339 -34.76 14.67 4.59
N ARG B 340 -35.63 14.96 3.66
CA ARG B 340 -35.36 14.60 2.27
CA ARG B 340 -35.44 14.64 2.26
C ARG B 340 -34.65 15.76 1.57
N ILE B 341 -33.66 15.42 0.72
CA ILE B 341 -32.81 16.47 0.15
C ILE B 341 -32.78 16.39 -1.37
N SER B 342 -32.29 17.46 -1.99
CA SER B 342 -32.15 17.50 -3.44
C SER B 342 -30.72 17.10 -3.81
N GLY B 343 -30.46 16.96 -5.10
CA GLY B 343 -29.08 16.86 -5.63
C GLY B 343 -28.12 17.94 -5.17
N ALA B 344 -28.59 19.18 -5.12
CA ALA B 344 -27.73 20.25 -4.61
C ALA B 344 -27.42 20.05 -3.12
N GLY B 345 -28.41 19.52 -2.37
CA GLY B 345 -28.18 19.16 -0.96
C GLY B 345 -27.10 18.10 -0.84
N MET B 346 -27.07 17.13 -1.75
CA MET B 346 -26.09 16.07 -1.61
C MET B 346 -24.72 16.63 -1.97
N LYS B 347 -24.64 17.45 -3.01
CA LYS B 347 -23.34 18.01 -3.39
C LYS B 347 -22.78 18.89 -2.26
N GLU B 348 -23.67 19.57 -1.53
CA GLU B 348 -23.23 20.34 -0.35
C GLU B 348 -22.65 19.43 0.74
N SER B 349 -23.17 18.20 0.83
CA SER B 349 -22.80 17.24 1.86
C SER B 349 -21.42 16.70 1.71
N HIS B 350 -21.02 16.49 0.47
CA HIS B 350 -19.64 16.12 0.16
C HIS B 350 -18.66 17.27 0.38
N VAL B 351 -17.38 16.93 0.34
CA VAL B 351 -16.36 17.97 0.26
C VAL B 351 -16.56 18.76 -1.06
N HIS B 352 -16.42 20.06 -1.03
CA HIS B 352 -16.66 20.85 -2.25
C HIS B 352 -15.82 22.07 -2.25
N ASP B 353 -15.42 22.46 -3.45
CA ASP B 353 -14.73 23.73 -3.72
C ASP B 353 -13.38 23.83 -3.03
N VAL B 354 -12.66 22.71 -2.87
CA VAL B 354 -11.29 22.69 -2.30
C VAL B 354 -10.61 21.43 -2.87
N GLN B 355 -9.30 21.47 -3.07
CA GLN B 355 -8.60 20.28 -3.50
C GLN B 355 -8.02 19.55 -2.29
N ILE B 356 -8.40 18.30 -2.13
CA ILE B 356 -7.90 17.46 -1.03
C ILE B 356 -6.42 17.15 -1.29
N THR B 357 -5.54 17.45 -0.34
CA THR B 357 -4.11 17.11 -0.49
C THR B 357 -3.72 15.87 0.31
N LYS B 358 -4.56 15.41 1.21
CA LYS B 358 -4.26 14.20 2.00
C LYS B 358 -5.55 13.46 2.22
N GLU B 359 -5.65 12.22 1.71
CA GLU B 359 -6.88 11.45 1.87
C GLU B 359 -7.15 11.05 3.33
N ALA B 360 -8.40 11.19 3.73
CA ALA B 360 -8.83 10.85 5.05
C ALA B 360 -9.19 9.35 4.97
N PRO B 361 -8.85 8.60 6.02
CA PRO B 361 -9.09 7.16 6.03
C PRO B 361 -10.56 6.80 5.91
N ASN B 362 -11.49 7.66 6.31
CA ASN B 362 -12.95 7.40 6.13
C ASN B 362 -13.65 8.12 4.93
N TYR B 363 -12.87 8.74 4.05
CA TYR B 363 -13.46 9.48 2.94
C TYR B 363 -12.55 9.37 1.70
N ARG B 364 -12.52 8.20 1.06
CA ARG B 364 -11.51 7.98 0.00
C ARG B 364 -12.13 8.03 -1.39
P IMP C . 18.93 9.63 -6.35
O1P IMP C . 19.30 8.29 -5.88
O2P IMP C . 17.50 9.94 -5.76
O3P IMP C . 18.93 9.65 -7.91
O5' IMP C . 20.05 10.71 -5.99
C5' IMP C . 20.38 10.95 -4.63
C4' IMP C . 21.59 11.82 -4.59
O4' IMP C . 21.32 13.17 -5.00
C3' IMP C . 22.17 11.97 -3.19
O3' IMP C . 22.97 10.85 -2.80
C2' IMP C . 23.06 13.18 -3.40
O2' IMP C . 24.27 12.92 -4.14
C1' IMP C . 22.24 14.06 -4.35
N9 IMP C . 21.40 15.11 -3.72
C8 IMP C . 20.80 15.16 -2.52
N7 IMP C . 20.07 16.31 -2.43
C5 IMP C . 20.27 17.00 -3.57
C6 IMP C . 19.82 18.22 -4.05
O6 IMP C . 19.02 18.97 -3.42
N1 IMP C . 20.22 18.60 -5.24
C2 IMP C . 21.06 17.82 -6.00
N3 IMP C . 21.52 16.62 -5.62
C4 IMP C . 21.11 16.23 -4.37
C1 MOA D . 24.84 17.78 -6.50
C2 MOA D . 23.39 20.47 -1.54
C3 MOA D . 23.42 20.92 -0.25
C4 MOA D . 23.94 22.29 0.13
C5 MOA D . 25.33 22.22 0.78
C6 MOA D . 26.31 22.00 -0.35
C7 MOA D . 26.23 15.17 -2.55
C8 MOA D . 25.64 17.41 -0.20
C9 MOA D . 22.92 20.05 0.85
C10 MOA D . 26.18 16.01 -5.66
C11 MOA D . 25.42 16.64 -4.53
C12 MOA D . 25.44 16.31 -3.12
C13 MOA D . 24.55 17.12 -2.24
C14 MOA D . 23.73 18.24 -2.76
C15 MOA D . 23.76 18.58 -4.18
C16 MOA D . 24.63 17.76 -5.03
C17 MOA D . 22.85 19.09 -1.86
O1 MOA D . 24.30 18.46 -7.31
O2 MOA D . 25.71 16.70 -6.84
O3 MOA D . 24.56 16.80 -0.91
O4 MOA D . 23.03 19.59 -4.69
O5 MOA D . 26.20 22.71 -1.34
O6 MOA D . 27.22 21.15 -0.28
K K E . 18.96 15.64 -12.06
P IMP F . -22.20 -3.91 -1.91
O1P IMP F . -22.01 -3.86 -0.42
O2P IMP F . -20.84 -4.24 -2.67
O3P IMP F . -22.90 -2.60 -2.37
O5' IMP F . -23.25 -5.04 -2.38
C5' IMP F . -23.13 -6.44 -2.03
C4' IMP F . -24.42 -7.20 -2.24
O4' IMP F . -24.79 -7.37 -3.63
C3' IMP F . -24.36 -8.65 -1.73
O3' IMP F . -24.54 -8.80 -0.32
C2' IMP F . -25.48 -9.29 -2.49
O2' IMP F . -26.74 -8.90 -1.89
C1' IMP F . -25.49 -8.60 -3.82
N9 IMP F . -24.80 -9.28 -4.96
C8 IMP F . -23.76 -10.11 -4.97
N7 IMP F . -23.47 -10.42 -6.24
C5 IMP F . -24.33 -9.75 -7.03
C6 IMP F . -24.49 -9.67 -8.40
O6 IMP F . -23.72 -10.28 -9.18
N1 IMP F . -25.48 -8.89 -8.87
C2 IMP F . -26.29 -8.22 -8.02
N3 IMP F . -26.16 -8.26 -6.67
C4 IMP F . -25.16 -9.02 -6.21
C1 MOA G . -29.77 -8.72 -6.71
C2 MOA G . -27.22 -13.89 -8.34
C3 MOA G . -26.85 -15.20 -8.20
C4 MOA G . -27.59 -16.26 -8.96
C5 MOA G . -28.47 -17.08 -8.01
C6 MOA G . -29.68 -16.25 -7.70
C7 MOA G . -28.46 -11.62 -2.95
C8 MOA G . -27.62 -14.39 -4.56
C9 MOA G . -25.76 -15.71 -7.29
C10 MOA G . -29.98 -9.16 -4.38
C11 MOA G . -29.06 -10.17 -5.02
C12 MOA G . -28.35 -11.30 -4.40
C13 MOA G . -27.49 -12.12 -5.28
C14 MOA G . -27.39 -11.87 -6.76
C15 MOA G . -28.13 -10.74 -7.34
C16 MOA G . -28.96 -9.94 -6.44
C17 MOA G . -26.51 -12.75 -7.61
O1 MOA G . -29.88 -8.17 -7.75
O2 MOA G . -30.38 -8.29 -5.47
O3 MOA G . -26.88 -13.15 -4.63
O4 MOA G . -28.12 -10.39 -8.65
O5 MOA G . -30.21 -15.66 -8.66
O6 MOA G . -30.12 -16.18 -6.52
K K H . -26.46 -1.60 -8.72
#